data_7NZZ
#
_entry.id   7NZZ
#
_cell.length_a   48.647
_cell.length_b   107.214
_cell.length_c   196.896
_cell.angle_alpha   90.000
_cell.angle_beta   90.000
_cell.angle_gamma   90.000
#
_symmetry.space_group_name_H-M   'P 21 21 21'
#
loop_
_entity.id
_entity.type
_entity.pdbx_description
1 polymer 'Cell division control protein 25'
2 water water
#
_entity_poly.entity_id   1
_entity_poly.type   'polypeptide(L)'
_entity_poly.pdbx_seq_one_letter_code
;MGNNTSSSEKADDNSYYVGGHKKSTDVPWYLEGDDEYELLLDVKGNIKGGSKEALVSHLTHHLSLDSNFNAVFLLMFSSM
MSLGELISLLIARFNIEPPEGLSYEEYNLWVSKKRNPIRLRVINIMKLLLEKNWSMSYYNEPVLRRWLTFAHSDQVQTYS
LGNLLVNYLERLLRGERIYVERDPVIPNTKPPAPLTKGSSLSKKPRVMDIDYVELARQLTLREFKLYCKITKFACLAKVW
GKKSGLSESIDSITQFIKASNQLTNFVGYMILRKADPKKRVQIIRYFIQVADKCRQYNNFSSMTAIISALYSSPIHRLKK
TWEYMNADALSNLKNMNKLMNSSRNFNEYRDVLKFIGSEPCVPFFGVYLSDLTFVYHGNPDYLYNRTRQVNFAKRAKTSE
IVSGIDRFKTTGYNFQEVPEIQKFLDAWFEKCPTIDEQYQISLNLEPREQPAGASNSNSTTNATTNIKSFKPFSLK
;
_entity_poly.pdbx_strand_id   A,B
#
# COMPACT_ATOMS: atom_id res chain seq x y z
N ASP A 26 26.41 -6.80 -0.39
CA ASP A 26 25.07 -6.61 0.15
C ASP A 26 25.07 -5.53 1.23
N VAL A 27 23.88 -5.23 1.75
CA VAL A 27 23.69 -4.12 2.69
C VAL A 27 23.57 -4.70 4.10
N PRO A 28 24.29 -4.15 5.09
CA PRO A 28 24.12 -4.63 6.47
C PRO A 28 22.69 -4.42 6.95
N TRP A 29 22.29 -5.25 7.92
CA TRP A 29 20.88 -5.35 8.29
C TRP A 29 20.33 -4.01 8.77
N TYR A 30 21.13 -3.24 9.51
CA TYR A 30 20.65 -1.97 10.06
C TYR A 30 20.65 -0.85 9.03
N LEU A 31 21.08 -1.09 7.79
CA LEU A 31 21.03 -0.09 6.74
C LEU A 31 19.92 -0.37 5.73
N GLU A 32 18.97 -1.23 6.05
CA GLU A 32 17.88 -1.55 5.14
C GLU A 32 16.76 -0.53 5.28
N GLY A 33 15.73 -0.68 4.45
CA GLY A 33 14.60 0.22 4.47
C GLY A 33 13.76 0.07 5.73
N ASP A 34 12.72 0.90 5.82
CA ASP A 34 11.89 0.99 7.01
C ASP A 34 10.42 0.78 6.64
N ASP A 35 9.72 0.02 7.48
CA ASP A 35 8.29 -0.23 7.35
C ASP A 35 7.92 -0.89 6.02
N GLU A 36 8.87 -1.54 5.37
CA GLU A 36 8.61 -2.16 4.07
C GLU A 36 7.68 -3.35 4.18
N TYR A 37 7.61 -3.99 5.34
CA TYR A 37 6.66 -5.08 5.56
C TYR A 37 5.21 -4.60 5.51
N GLU A 38 4.96 -3.29 5.57
CA GLU A 38 3.63 -2.75 5.45
C GLU A 38 3.34 -2.20 4.06
N LEU A 39 4.25 -2.39 3.12
CA LEU A 39 3.99 -2.08 1.71
C LEU A 39 3.33 -3.27 1.03
N LEU A 40 2.49 -2.97 0.05
CA LEU A 40 1.84 -3.98 -0.78
C LEU A 40 2.20 -3.73 -2.24
N LEU A 41 2.68 -4.76 -2.91
CA LEU A 41 3.19 -4.64 -4.27
C LEU A 41 2.28 -5.39 -5.24
N ASP A 42 2.37 -5.01 -6.51
CA ASP A 42 1.63 -5.66 -7.58
C ASP A 42 2.54 -6.64 -8.32
N VAL A 43 2.05 -7.12 -9.48
CA VAL A 43 2.80 -8.12 -10.24
C VAL A 43 4.13 -7.54 -10.73
N LYS A 44 4.10 -6.30 -11.23
CA LYS A 44 5.33 -5.68 -11.72
C LYS A 44 6.28 -5.28 -10.60
N GLY A 45 5.87 -5.38 -9.35
CA GLY A 45 6.68 -4.93 -8.23
C GLY A 45 6.43 -3.51 -7.80
N ASN A 46 5.57 -2.78 -8.51
CA ASN A 46 5.25 -1.41 -8.11
C ASN A 46 4.36 -1.41 -6.88
N ILE A 47 4.43 -0.31 -6.12
CA ILE A 47 3.67 -0.18 -4.89
C ILE A 47 2.19 0.03 -5.23
N LYS A 48 1.35 -0.93 -4.83
CA LYS A 48 -0.09 -0.75 -4.98
C LYS A 48 -0.76 -0.25 -3.71
N GLY A 49 -0.11 -0.41 -2.55
CA GLY A 49 -0.71 0.06 -1.32
C GLY A 49 0.28 0.01 -0.17
N GLY A 50 -0.17 0.54 0.96
CA GLY A 50 0.64 0.54 2.16
C GLY A 50 0.00 1.37 3.25
N SER A 51 0.68 1.42 4.38
CA SER A 51 0.26 2.25 5.50
C SER A 51 0.80 3.67 5.34
N LYS A 52 0.27 4.58 6.16
CA LYS A 52 0.80 5.94 6.17
C LYS A 52 2.29 5.95 6.48
N GLU A 53 2.71 5.18 7.48
CA GLU A 53 4.12 5.12 7.84
C GLU A 53 4.96 4.53 6.72
N ALA A 54 4.47 3.46 6.09
CA ALA A 54 5.23 2.81 5.03
C ALA A 54 5.38 3.72 3.82
N LEU A 55 4.28 4.36 3.40
CA LEU A 55 4.33 5.22 2.21
C LEU A 55 5.30 6.38 2.41
N VAL A 56 5.30 6.98 3.62
CA VAL A 56 6.20 8.09 3.88
C VAL A 56 7.64 7.59 3.96
N SER A 57 7.86 6.44 4.58
CA SER A 57 9.19 5.84 4.60
C SER A 57 9.71 5.63 3.19
N HIS A 58 8.85 5.16 2.29
CA HIS A 58 9.26 4.99 0.89
C HIS A 58 9.45 6.35 0.20
N LEU A 59 8.67 7.35 0.59
CA LEU A 59 8.81 8.69 0.02
C LEU A 59 10.16 9.30 0.38
N THR A 60 10.75 8.89 1.49
CA THR A 60 12.04 9.39 1.95
C THR A 60 13.04 8.25 2.11
N HIS A 61 13.00 7.29 1.18
CA HIS A 61 13.90 6.15 1.23
C HIS A 61 15.32 6.61 0.95
N HIS A 62 16.27 6.13 1.75
CA HIS A 62 17.66 6.55 1.61
C HIS A 62 18.41 5.81 0.53
N LEU A 63 17.95 4.60 0.15
CA LEU A 63 18.64 3.79 -0.84
C LEU A 63 18.19 4.11 -2.26
N SER A 64 16.89 4.20 -2.49
CA SER A 64 16.35 4.43 -3.82
C SER A 64 15.45 5.65 -3.82
N LEU A 65 15.26 6.22 -5.01
CA LEU A 65 14.39 7.38 -5.21
C LEU A 65 13.45 7.09 -6.36
N ASP A 66 12.15 7.12 -6.08
CA ASP A 66 11.11 6.89 -7.09
C ASP A 66 10.43 8.22 -7.36
N SER A 67 10.85 8.91 -8.43
CA SER A 67 10.27 10.20 -8.77
C SER A 67 8.78 10.06 -9.07
N ASN A 68 8.39 8.99 -9.75
CA ASN A 68 6.98 8.79 -10.07
C ASN A 68 6.15 8.62 -8.80
N PHE A 69 6.63 7.79 -7.87
CA PHE A 69 5.95 7.65 -6.59
C PHE A 69 5.88 8.98 -5.85
N ASN A 70 7.01 9.69 -5.79
CA ASN A 70 7.05 10.95 -5.05
C ASN A 70 6.08 11.97 -5.63
N ALA A 71 5.99 12.05 -6.96
CA ALA A 71 5.07 12.99 -7.58
C ALA A 71 3.62 12.64 -7.26
N VAL A 72 3.27 11.36 -7.39
CA VAL A 72 1.89 10.94 -7.13
C VAL A 72 1.53 11.16 -5.66
N PHE A 73 2.46 10.85 -4.75
CA PHE A 73 2.17 11.00 -3.33
C PHE A 73 1.95 12.46 -2.97
N LEU A 74 2.86 13.34 -3.42
CA LEU A 74 2.76 14.75 -3.05
C LEU A 74 1.49 15.38 -3.59
N LEU A 75 1.00 14.92 -4.75
CA LEU A 75 -0.23 15.48 -5.30
C LEU A 75 -1.46 14.99 -4.54
N MET A 76 -1.46 13.72 -4.15
CA MET A 76 -2.66 13.04 -3.64
C MET A 76 -2.62 12.76 -2.15
N PHE A 77 -1.65 13.32 -1.41
CA PHE A 77 -1.46 12.89 -0.03
C PHE A 77 -2.65 13.23 0.86
N SER A 78 -3.33 14.36 0.58
CA SER A 78 -4.44 14.76 1.44
C SER A 78 -5.61 13.79 1.36
N SER A 79 -5.71 12.99 0.30
CA SER A 79 -6.72 11.93 0.24
C SER A 79 -6.32 10.70 1.05
N MET A 80 -5.12 10.69 1.61
CA MET A 80 -4.61 9.57 2.38
C MET A 80 -4.26 9.92 3.82
N MET A 81 -3.91 11.18 4.08
CA MET A 81 -3.54 11.62 5.41
C MET A 81 -3.60 13.13 5.44
N SER A 82 -3.73 13.69 6.65
CA SER A 82 -3.75 15.14 6.80
C SER A 82 -2.35 15.71 6.58
N LEU A 83 -2.30 17.04 6.44
CA LEU A 83 -1.02 17.72 6.40
C LEU A 83 -0.25 17.51 7.70
N GLY A 84 -0.95 17.57 8.83
CA GLY A 84 -0.29 17.38 10.11
C GLY A 84 0.29 15.99 10.27
N GLU A 85 -0.40 14.98 9.76
CA GLU A 85 0.15 13.63 9.79
C GLU A 85 1.37 13.51 8.91
N LEU A 86 1.33 14.09 7.72
CA LEU A 86 2.48 14.06 6.82
C LEU A 86 3.69 14.73 7.47
N ILE A 87 3.49 15.92 8.05
CA ILE A 87 4.60 16.64 8.67
C ILE A 87 5.13 15.86 9.86
N SER A 88 4.24 15.32 10.70
CA SER A 88 4.69 14.52 11.84
CA SER A 88 4.69 14.52 11.84
C SER A 88 5.49 13.32 11.37
N LEU A 89 4.99 12.61 10.36
CA LEU A 89 5.71 11.45 9.84
C LEU A 89 7.04 11.85 9.21
N LEU A 90 7.08 12.99 8.51
CA LEU A 90 8.33 13.43 7.91
C LEU A 90 9.33 13.87 8.98
N ILE A 91 8.85 14.54 10.04
CA ILE A 91 9.75 14.96 11.10
C ILE A 91 10.27 13.74 11.86
N ALA A 92 9.43 12.73 12.05
CA ALA A 92 9.89 11.50 12.70
C ALA A 92 10.93 10.77 11.86
N ARG A 93 10.90 10.95 10.53
CA ARG A 93 11.93 10.38 9.69
C ARG A 93 13.23 11.16 9.81
N PHE A 94 13.15 12.49 9.86
CA PHE A 94 14.32 13.32 10.10
C PHE A 94 14.98 12.96 11.42
N ASN A 95 14.17 12.68 12.45
CA ASN A 95 14.66 12.33 13.77
C ASN A 95 14.70 10.83 14.02
N ILE A 96 14.91 10.04 12.95
CA ILE A 96 14.93 8.59 13.08
C ILE A 96 16.04 8.18 14.05
N GLU A 97 15.72 7.25 14.92
CA GLU A 97 16.67 6.71 15.87
C GLU A 97 17.30 5.43 15.33
N PRO A 98 18.52 5.10 15.72
CA PRO A 98 19.11 3.84 15.32
C PRO A 98 18.45 2.69 16.06
N PRO A 99 18.46 1.48 15.51
CA PRO A 99 17.99 0.32 16.26
C PRO A 99 18.86 0.10 17.49
N GLU A 100 18.27 -0.48 18.52
CA GLU A 100 19.05 -0.78 19.72
C GLU A 100 20.13 -1.81 19.42
N GLY A 101 21.23 -1.71 20.16
CA GLY A 101 22.28 -2.72 20.12
C GLY A 101 23.39 -2.49 19.13
N LEU A 102 23.33 -1.43 18.33
CA LEU A 102 24.41 -1.18 17.37
C LEU A 102 25.69 -0.83 18.10
N SER A 103 26.81 -1.31 17.58
CA SER A 103 28.10 -0.91 18.11
C SER A 103 28.41 0.53 17.69
N TYR A 104 29.46 1.09 18.29
CA TYR A 104 29.84 2.46 17.99
C TYR A 104 30.20 2.61 16.51
N GLU A 105 31.02 1.70 15.98
CA GLU A 105 31.36 1.75 14.56
C GLU A 105 30.13 1.51 13.70
N GLU A 106 29.29 0.53 14.06
CA GLU A 106 28.06 0.29 13.32
C GLU A 106 27.16 1.52 13.33
N TYR A 107 27.12 2.23 14.47
CA TYR A 107 26.28 3.42 14.57
C TYR A 107 26.79 4.54 13.66
N ASN A 108 28.10 4.73 13.61
CA ASN A 108 28.66 5.78 12.75
C ASN A 108 28.35 5.50 11.29
N LEU A 109 28.39 4.23 10.89
CA LEU A 109 28.00 3.88 9.52
C LEU A 109 26.51 4.14 9.30
N TRP A 110 25.69 3.83 10.31
CA TRP A 110 24.26 4.11 10.21
C TRP A 110 24.00 5.60 10.03
N VAL A 111 24.81 6.44 10.69
CA VAL A 111 24.63 7.88 10.56
C VAL A 111 24.97 8.35 9.15
N SER A 112 26.11 7.87 8.62
CA SER A 112 26.59 8.35 7.33
CA SER A 112 26.59 8.35 7.33
C SER A 112 25.81 7.78 6.16
N LYS A 113 25.34 6.53 6.26
CA LYS A 113 24.72 5.88 5.12
C LYS A 113 23.20 5.84 5.16
N LYS A 114 22.58 6.06 6.32
CA LYS A 114 21.12 5.99 6.40
C LYS A 114 20.50 7.27 6.93
N ARG A 115 20.84 7.70 8.16
CA ARG A 115 20.14 8.82 8.77
C ARG A 115 20.32 10.12 7.98
N ASN A 116 21.57 10.49 7.72
CA ASN A 116 21.82 11.72 6.99
C ASN A 116 21.25 11.71 5.57
N PRO A 117 21.34 10.62 4.79
CA PRO A 117 20.61 10.59 3.52
C PRO A 117 19.10 10.74 3.69
N ILE A 118 18.53 10.12 4.73
CA ILE A 118 17.10 10.29 4.99
C ILE A 118 16.76 11.75 5.26
N ARG A 119 17.62 12.44 6.01
CA ARG A 119 17.37 13.85 6.30
C ARG A 119 17.39 14.69 5.03
N LEU A 120 18.29 14.38 4.10
CA LEU A 120 18.30 15.08 2.82
C LEU A 120 17.00 14.83 2.05
N ARG A 121 16.53 13.58 2.04
CA ARG A 121 15.28 13.28 1.35
C ARG A 121 14.11 14.00 2.00
N VAL A 122 14.09 14.07 3.34
CA VAL A 122 12.99 14.72 4.05
C VAL A 122 12.94 16.20 3.70
N ILE A 123 14.08 16.87 3.74
CA ILE A 123 14.12 18.30 3.47
C ILE A 123 13.75 18.58 2.02
N ASN A 124 14.26 17.79 1.09
CA ASN A 124 13.91 17.99 -0.32
C ASN A 124 12.45 17.71 -0.58
N ILE A 125 11.85 16.75 0.15
CA ILE A 125 10.43 16.48 -0.03
C ILE A 125 9.60 17.66 0.48
N MET A 126 10.02 18.27 1.59
CA MET A 126 9.34 19.46 2.08
C MET A 126 9.46 20.60 1.08
N LYS A 127 10.61 20.72 0.42
CA LYS A 127 10.77 21.76 -0.60
C LYS A 127 9.82 21.53 -1.76
N LEU A 128 9.75 20.28 -2.26
CA LEU A 128 8.83 19.98 -3.36
C LEU A 128 7.38 20.16 -2.92
N LEU A 129 7.09 19.82 -1.66
CA LEU A 129 5.73 19.99 -1.15
C LEU A 129 5.31 21.45 -1.17
N LEU A 130 6.22 22.35 -0.80
CA LEU A 130 5.88 23.77 -0.75
C LEU A 130 5.93 24.41 -2.14
N GLU A 131 6.89 23.99 -2.98
CA GLU A 131 7.12 24.70 -4.24
C GLU A 131 6.18 24.25 -5.34
N LYS A 132 5.85 22.95 -5.39
CA LYS A 132 5.11 22.41 -6.52
C LYS A 132 3.83 21.67 -6.14
N ASN A 133 3.56 21.47 -4.86
CA ASN A 133 2.40 20.67 -4.46
C ASN A 133 1.70 21.30 -3.27
N TRP A 134 1.57 22.62 -3.27
CA TRP A 134 0.91 23.32 -2.16
C TRP A 134 -0.48 23.77 -2.57
N SER A 135 -1.45 23.46 -1.73
CA SER A 135 -2.80 23.98 -1.85
C SER A 135 -3.08 24.90 -0.68
N MET A 136 -3.68 26.06 -0.96
CA MET A 136 -3.99 26.98 0.12
C MET A 136 -4.95 26.38 1.12
N SER A 137 -5.80 25.45 0.69
CA SER A 137 -6.69 24.75 1.60
C SER A 137 -5.94 23.96 2.66
N TYR A 138 -4.66 23.65 2.41
CA TYR A 138 -3.85 22.95 3.40
C TYR A 138 -3.57 23.79 4.63
N TYR A 139 -3.82 25.10 4.59
CA TYR A 139 -3.43 26.00 5.67
C TYR A 139 -3.95 25.49 7.01
N ASN A 140 -3.06 25.45 7.99
CA ASN A 140 -3.36 24.91 9.31
C ASN A 140 -2.30 25.50 10.23
N GLU A 141 -2.66 26.57 10.94
CA GLU A 141 -1.67 27.34 11.69
C GLU A 141 -0.89 26.50 12.69
N PRO A 142 -1.50 25.64 13.51
CA PRO A 142 -0.68 24.80 14.40
C PRO A 142 0.32 23.93 13.66
N VAL A 143 -0.08 23.34 12.53
CA VAL A 143 0.85 22.51 11.77
C VAL A 143 1.99 23.35 11.20
N LEU A 144 1.66 24.52 10.65
CA LEU A 144 2.69 25.39 10.08
C LEU A 144 3.67 25.88 11.14
N ARG A 145 3.16 26.20 12.34
CA ARG A 145 4.04 26.71 13.38
C ARG A 145 4.94 25.61 13.94
N ARG A 146 4.42 24.39 14.07
CA ARG A 146 5.28 23.26 14.40
C ARG A 146 6.29 23.02 13.30
N TRP A 147 5.83 23.03 12.05
CA TRP A 147 6.73 22.90 10.90
C TRP A 147 7.78 24.01 10.89
N LEU A 148 7.36 25.25 11.16
CA LEU A 148 8.30 26.36 11.19
C LEU A 148 9.33 26.19 12.31
N THR A 149 8.89 25.78 13.49
CA THR A 149 9.82 25.49 14.58
C THR A 149 10.83 24.44 14.17
N PHE A 150 10.40 23.43 13.41
CA PHE A 150 11.30 22.40 12.91
C PHE A 150 12.33 22.99 11.95
N ALA A 151 11.88 23.85 11.03
CA ALA A 151 12.80 24.44 10.06
C ALA A 151 13.82 25.36 10.73
N HIS A 152 13.48 25.94 11.89
CA HIS A 152 14.41 26.78 12.64
C HIS A 152 15.46 25.99 13.40
N SER A 153 15.32 24.67 13.49
CA SER A 153 16.21 23.89 14.33
C SER A 153 17.63 23.87 13.76
N ASP A 154 18.60 23.74 14.65
CA ASP A 154 20.00 23.69 14.23
C ASP A 154 20.25 22.57 13.23
N GLN A 155 19.68 21.40 13.49
CA GLN A 155 19.90 20.25 12.61
C GLN A 155 19.38 20.53 11.20
N VAL A 156 18.31 21.30 11.09
CA VAL A 156 17.81 21.68 9.76
C VAL A 156 18.64 22.81 9.17
N GLN A 157 19.12 23.73 10.00
CA GLN A 157 19.81 24.91 9.50
C GLN A 157 21.21 24.62 8.94
N THR A 158 21.77 23.43 9.21
CA THR A 158 23.04 23.07 8.57
C THR A 158 22.87 22.79 7.09
N TYR A 159 21.65 22.50 6.64
CA TYR A 159 21.38 22.35 5.22
C TYR A 159 21.06 23.70 4.61
N SER A 160 21.44 23.88 3.34
CA SER A 160 21.21 25.15 2.67
C SER A 160 19.72 25.44 2.51
N LEU A 161 18.90 24.41 2.32
CA LEU A 161 17.46 24.60 2.17
C LEU A 161 16.78 25.00 3.47
N GLY A 162 17.48 24.94 4.61
CA GLY A 162 16.84 25.29 5.87
C GLY A 162 16.35 26.73 5.90
N ASN A 163 17.14 27.65 5.36
CA ASN A 163 16.70 29.04 5.30
C ASN A 163 15.52 29.21 4.33
N LEU A 164 15.50 28.42 3.26
CA LEU A 164 14.42 28.52 2.29
C LEU A 164 13.12 27.96 2.85
N LEU A 165 13.19 26.87 3.61
CA LEU A 165 12.00 26.34 4.27
C LEU A 165 11.41 27.39 5.22
N VAL A 166 12.26 28.03 6.02
CA VAL A 166 11.80 29.08 6.93
C VAL A 166 11.13 30.20 6.15
N ASN A 167 11.73 30.61 5.03
CA ASN A 167 11.17 31.71 4.25
C ASN A 167 9.80 31.34 3.69
N TYR A 168 9.63 30.08 3.27
CA TYR A 168 8.34 29.65 2.73
C TYR A 168 7.27 29.63 3.81
N LEU A 169 7.59 29.05 4.97
CA LEU A 169 6.59 28.87 6.01
C LEU A 169 6.18 30.20 6.63
N GLU A 170 7.14 31.12 6.79
CA GLU A 170 6.79 32.45 7.30
C GLU A 170 5.82 33.15 6.36
N ARG A 171 6.03 33.03 5.05
CA ARG A 171 5.12 33.67 4.11
C ARG A 171 3.75 33.01 4.12
N LEU A 172 3.70 31.68 4.25
CA LEU A 172 2.43 30.99 4.34
C LEU A 172 1.67 31.38 5.61
N LEU A 173 2.39 31.71 6.68
CA LEU A 173 1.75 32.07 7.94
C LEU A 173 1.14 33.46 7.90
N ARG A 174 1.73 34.38 7.13
CA ARG A 174 1.16 35.72 6.97
C ARG A 174 0.32 35.84 5.70
N GLY A 175 -0.24 34.73 5.22
CA GLY A 175 -1.20 34.74 4.15
C GLY A 175 -0.64 34.89 2.74
N GLU A 176 0.67 34.91 2.57
CA GLU A 176 1.24 35.09 1.25
C GLU A 176 1.22 33.78 0.46
N ARG A 177 1.34 33.91 -0.86
CA ARG A 177 1.33 32.76 -1.76
C ARG A 177 2.74 32.47 -2.25
N ILE A 178 3.10 31.18 -2.26
CA ILE A 178 4.42 30.77 -2.70
C ILE A 178 4.41 30.46 -4.19
N ARG A 182 3.94 30.67 -15.43
CA ARG A 182 2.62 30.23 -14.98
C ARG A 182 1.56 30.49 -16.04
N ASP A 183 1.48 31.72 -16.53
CA ASP A 183 0.49 32.06 -17.55
C ASP A 183 0.86 31.39 -18.87
N PRO A 184 -0.13 30.88 -19.61
CA PRO A 184 0.18 30.25 -20.90
C PRO A 184 0.81 31.24 -21.86
N VAL A 185 1.78 30.75 -22.64
CA VAL A 185 2.56 31.61 -23.52
C VAL A 185 1.79 31.88 -24.79
N ILE A 186 1.93 33.09 -25.32
CA ILE A 186 1.34 33.50 -26.58
C ILE A 186 2.47 33.81 -27.55
N PRO A 187 2.46 33.27 -28.76
CA PRO A 187 3.61 33.45 -29.66
C PRO A 187 3.78 34.89 -30.10
N ASN A 188 4.99 35.19 -30.56
CA ASN A 188 5.31 36.53 -31.07
C ASN A 188 4.67 36.81 -32.42
N THR A 189 3.85 35.90 -32.94
CA THR A 189 3.19 36.11 -34.22
C THR A 189 2.15 37.22 -34.11
N LYS A 190 1.92 37.89 -35.24
CA LYS A 190 0.91 38.95 -35.27
C LYS A 190 -0.47 38.35 -35.10
N PRO A 191 -1.32 38.93 -34.24
CA PRO A 191 -2.67 38.39 -34.09
C PRO A 191 -3.50 38.65 -35.34
N PRO A 192 -4.40 37.76 -35.69
CA PRO A 192 -5.29 38.02 -36.83
C PRO A 192 -6.22 39.19 -36.54
N ALA A 193 -6.51 39.94 -37.59
CA ALA A 193 -7.39 41.10 -37.46
C ALA A 193 -8.80 40.63 -37.11
N PRO A 194 -9.47 41.26 -36.13
CA PRO A 194 -10.83 40.86 -35.80
C PRO A 194 -11.76 41.07 -36.99
N LEU A 195 -12.55 40.04 -37.30
CA LEU A 195 -13.42 40.07 -38.47
C LEU A 195 -14.64 40.96 -38.28
N THR A 196 -14.93 41.40 -37.06
CA THR A 196 -16.04 42.31 -36.81
C THR A 196 -15.56 43.39 -35.84
N LYS A 197 -15.37 44.60 -36.35
CA LYS A 197 -14.96 45.71 -35.51
C LYS A 197 -16.07 46.04 -34.51
N GLY A 198 -15.69 46.19 -33.24
CA GLY A 198 -16.67 46.47 -32.21
C GLY A 198 -17.45 47.76 -32.46
N SER A 199 -16.80 48.75 -33.07
CA SER A 199 -17.47 50.01 -33.36
C SER A 199 -18.56 49.87 -34.42
N SER A 200 -18.49 48.83 -35.26
CA SER A 200 -19.51 48.63 -36.29
C SER A 200 -20.79 48.04 -35.74
N LEU A 201 -20.74 47.41 -34.57
CA LEU A 201 -21.92 46.82 -33.96
C LEU A 201 -22.78 47.88 -33.30
N SER A 202 -24.09 47.75 -33.44
CA SER A 202 -25.01 48.69 -32.81
C SER A 202 -25.05 48.46 -31.31
N LYS A 203 -25.75 49.37 -30.61
CA LYS A 203 -25.89 49.23 -29.16
C LYS A 203 -26.63 47.95 -28.80
N LYS A 204 -27.64 47.58 -29.59
CA LYS A 204 -28.36 46.32 -29.45
C LYS A 204 -28.14 45.52 -30.72
N PRO A 205 -27.02 44.82 -30.84
CA PRO A 205 -26.71 44.09 -32.08
C PRO A 205 -27.34 42.70 -32.12
N ARG A 206 -27.62 42.26 -33.33
CA ARG A 206 -28.05 40.89 -33.55
C ARG A 206 -26.83 39.97 -33.54
N VAL A 207 -27.06 38.71 -33.16
CA VAL A 207 -25.96 37.76 -33.05
C VAL A 207 -25.28 37.56 -34.39
N MET A 208 -26.07 37.40 -35.45
CA MET A 208 -25.49 37.17 -36.77
C MET A 208 -24.88 38.43 -37.37
N ASP A 209 -24.99 39.58 -36.70
CA ASP A 209 -24.18 40.73 -37.07
C ASP A 209 -22.71 40.49 -36.75
N ILE A 210 -22.41 39.50 -35.92
CA ILE A 210 -21.04 39.11 -35.62
C ILE A 210 -20.63 38.00 -36.58
N ASP A 211 -19.47 38.17 -37.21
CA ASP A 211 -18.91 37.11 -38.05
C ASP A 211 -18.75 35.84 -37.21
N TYR A 212 -19.23 34.72 -37.76
CA TYR A 212 -19.22 33.48 -36.98
C TYR A 212 -17.80 33.07 -36.59
N VAL A 213 -16.81 33.38 -37.43
CA VAL A 213 -15.43 33.10 -37.07
C VAL A 213 -15.00 33.96 -35.88
N GLU A 214 -15.40 35.24 -35.88
CA GLU A 214 -15.04 36.13 -34.79
C GLU A 214 -15.75 35.73 -33.50
N LEU A 215 -16.99 35.25 -33.59
CA LEU A 215 -17.68 34.78 -32.39
C LEU A 215 -16.99 33.56 -31.81
N ALA A 216 -16.52 32.66 -32.67
CA ALA A 216 -15.75 31.51 -32.20
C ALA A 216 -14.48 31.95 -31.50
N ARG A 217 -13.80 32.98 -32.03
CA ARG A 217 -12.60 33.49 -31.38
C ARG A 217 -12.90 34.03 -29.99
N GLN A 218 -13.98 34.80 -29.86
CA GLN A 218 -14.29 35.42 -28.58
C GLN A 218 -14.82 34.38 -27.58
N LEU A 219 -15.57 33.39 -28.06
CA LEU A 219 -15.95 32.27 -27.20
C LEU A 219 -14.71 31.51 -26.74
N THR A 220 -13.75 31.31 -27.64
CA THR A 220 -12.53 30.59 -27.29
C THR A 220 -11.71 31.36 -26.25
N LEU A 221 -11.67 32.70 -26.38
CA LEU A 221 -10.91 33.50 -25.43
C LEU A 221 -11.50 33.42 -24.02
N ARG A 222 -12.82 33.57 -23.91
CA ARG A 222 -13.42 33.57 -22.58
C ARG A 222 -13.41 32.17 -21.97
N GLU A 223 -13.61 31.13 -22.79
CA GLU A 223 -13.57 29.77 -22.28
C GLU A 223 -12.17 29.40 -21.81
N PHE A 224 -11.15 29.75 -22.61
CA PHE A 224 -9.79 29.37 -22.24
C PHE A 224 -9.33 30.10 -20.98
N LYS A 225 -9.70 31.37 -20.84
CA LYS A 225 -9.38 32.09 -19.60
C LYS A 225 -10.00 31.38 -18.40
N LEU A 226 -11.26 30.97 -18.50
CA LEU A 226 -11.90 30.23 -17.42
C LEU A 226 -11.27 28.86 -17.22
N TYR A 227 -10.80 28.22 -18.29
CA TYR A 227 -10.21 26.89 -18.17
C TYR A 227 -8.89 26.94 -17.41
N CYS A 228 -8.07 27.97 -17.66
CA CYS A 228 -6.75 28.03 -17.04
C CYS A 228 -6.82 28.25 -15.53
N LYS A 229 -7.97 28.69 -15.00
CA LYS A 229 -8.11 28.85 -13.57
C LYS A 229 -8.40 27.55 -12.84
N ILE A 230 -8.72 26.48 -13.57
CA ILE A 230 -9.03 25.20 -12.95
C ILE A 230 -7.74 24.52 -12.53
N THR A 231 -7.61 24.24 -11.23
CA THR A 231 -6.46 23.53 -10.70
C THR A 231 -6.80 22.06 -10.50
N LYS A 232 -5.75 21.25 -10.39
CA LYS A 232 -5.95 19.83 -10.10
C LYS A 232 -6.62 19.65 -8.74
N PHE A 233 -6.27 20.50 -7.78
CA PHE A 233 -6.86 20.42 -6.45
C PHE A 233 -8.38 20.58 -6.50
N ALA A 234 -8.87 21.46 -7.38
CA ALA A 234 -10.31 21.64 -7.50
C ALA A 234 -10.97 20.42 -8.11
N CYS A 235 -10.32 19.79 -9.09
CA CYS A 235 -10.86 18.56 -9.67
C CYS A 235 -10.95 17.45 -8.62
N LEU A 236 -9.91 17.31 -7.80
CA LEU A 236 -9.95 16.31 -6.75
C LEU A 236 -11.01 16.64 -5.71
N ALA A 237 -11.21 17.93 -5.44
CA ALA A 237 -12.22 18.33 -4.46
C ALA A 237 -13.63 18.08 -4.99
N LYS A 238 -13.85 18.25 -6.29
CA LYS A 238 -15.19 18.05 -6.83
C LYS A 238 -15.55 16.57 -6.93
N VAL A 239 -14.61 15.74 -7.38
CA VAL A 239 -14.91 14.32 -7.59
C VAL A 239 -14.82 13.55 -6.27
N TRP A 240 -13.70 13.68 -5.55
CA TRP A 240 -13.51 12.91 -4.33
C TRP A 240 -14.32 13.47 -3.17
N GLY A 241 -14.55 14.78 -3.13
CA GLY A 241 -15.35 15.35 -2.05
C GLY A 241 -14.57 15.38 -0.75
N LYS A 242 -15.22 14.93 0.33
CA LYS A 242 -14.60 15.00 1.65
C LYS A 242 -13.40 14.08 1.76
N LYS A 243 -13.36 13.00 0.97
CA LYS A 243 -12.23 12.09 1.02
C LYS A 243 -10.96 12.70 0.42
N SER A 244 -11.10 13.76 -0.38
CA SER A 244 -9.94 14.41 -0.98
C SER A 244 -9.05 15.09 0.06
N GLY A 245 -9.61 15.46 1.21
CA GLY A 245 -8.86 16.23 2.17
C GLY A 245 -8.54 17.63 1.72
N LEU A 246 -9.28 18.15 0.74
CA LEU A 246 -9.04 19.47 0.16
C LEU A 246 -10.27 20.34 0.42
N SER A 247 -10.12 21.33 1.29
CA SER A 247 -11.14 22.37 1.43
C SER A 247 -11.04 23.44 0.35
N GLU A 248 -10.34 23.12 -0.74
CA GLU A 248 -10.18 24.06 -1.85
C GLU A 248 -11.54 24.38 -2.46
N SER A 249 -11.68 25.62 -2.91
CA SER A 249 -12.90 26.03 -3.60
C SER A 249 -12.93 25.42 -5.00
N ILE A 250 -14.07 24.83 -5.35
CA ILE A 250 -14.26 24.29 -6.70
C ILE A 250 -14.87 25.38 -7.56
N ASP A 251 -14.72 26.64 -7.13
CA ASP A 251 -15.35 27.75 -7.83
C ASP A 251 -14.83 27.88 -9.26
N SER A 252 -13.56 27.54 -9.49
CA SER A 252 -13.04 27.57 -10.85
C SER A 252 -13.83 26.62 -11.76
N ILE A 253 -14.23 25.46 -11.23
CA ILE A 253 -14.99 24.50 -12.03
C ILE A 253 -16.43 24.98 -12.19
N THR A 254 -17.03 25.49 -11.11
CA THR A 254 -18.43 25.91 -11.19
C THR A 254 -18.59 27.07 -12.16
N GLN A 255 -17.61 27.97 -12.23
CA GLN A 255 -17.67 29.03 -13.23
C GLN A 255 -17.50 28.48 -14.63
N PHE A 256 -16.62 27.50 -14.81
CA PHE A 256 -16.44 26.91 -16.13
C PHE A 256 -17.68 26.17 -16.59
N ILE A 257 -18.31 25.41 -15.69
CA ILE A 257 -19.54 24.72 -16.04
C ILE A 257 -20.67 25.72 -16.26
N LYS A 258 -20.70 26.80 -15.48
CA LYS A 258 -21.70 27.85 -15.71
C LYS A 258 -21.57 28.44 -17.10
N ALA A 259 -20.33 28.70 -17.54
CA ALA A 259 -20.13 29.27 -18.87
C ALA A 259 -20.60 28.33 -19.97
N SER A 260 -20.43 27.02 -19.78
CA SER A 260 -20.90 26.08 -20.79
C SER A 260 -22.42 25.96 -20.78
N ASN A 261 -23.02 25.93 -19.59
CA ASN A 261 -24.48 25.93 -19.50
C ASN A 261 -25.07 27.18 -20.12
N GLN A 262 -24.48 28.34 -19.84
CA GLN A 262 -24.99 29.59 -20.40
C GLN A 262 -24.83 29.63 -21.91
N LEU A 263 -23.72 29.10 -22.43
CA LEU A 263 -23.55 29.05 -23.88
C LEU A 263 -24.58 28.11 -24.52
N THR A 264 -24.91 27.02 -23.84
CA THR A 264 -25.95 26.14 -24.35
C THR A 264 -27.33 26.79 -24.28
N ASN A 265 -27.64 27.45 -23.15
CA ASN A 265 -28.89 28.21 -23.06
C ASN A 265 -28.94 29.32 -24.11
N PHE A 266 -27.83 30.02 -24.30
CA PHE A 266 -27.79 31.13 -25.24
C PHE A 266 -28.09 30.66 -26.66
N VAL A 267 -27.51 29.52 -27.06
CA VAL A 267 -27.68 29.03 -28.42
C VAL A 267 -29.14 28.68 -28.68
N GLY A 268 -29.76 27.96 -27.75
CA GLY A 268 -31.15 27.60 -27.94
C GLY A 268 -32.08 28.80 -27.96
N TYR A 269 -31.77 29.82 -27.13
CA TYR A 269 -32.68 30.95 -27.01
C TYR A 269 -32.58 31.88 -28.22
N MET A 270 -31.38 32.07 -28.76
CA MET A 270 -31.25 32.87 -29.98
C MET A 270 -32.02 32.25 -31.13
N ILE A 271 -32.14 30.92 -31.13
CA ILE A 271 -32.93 30.24 -32.16
C ILE A 271 -34.41 30.47 -31.93
N LEU A 272 -34.87 30.34 -30.69
CA LEU A 272 -36.28 30.41 -30.37
C LEU A 272 -36.83 31.84 -30.37
N ARG A 273 -35.97 32.85 -30.36
N ARG A 273 -35.97 32.85 -30.36
CA ARG A 273 -36.44 34.23 -30.48
CA ARG A 273 -36.45 34.22 -30.49
C ARG A 273 -36.94 34.53 -31.90
C ARG A 273 -36.91 34.55 -31.90
N LYS A 274 -36.40 33.83 -32.90
CA LYS A 274 -36.78 34.09 -34.28
C LYS A 274 -38.12 33.44 -34.59
N ALA A 275 -39.03 34.21 -35.17
CA ALA A 275 -40.39 33.76 -35.44
C ALA A 275 -40.52 33.04 -36.78
N ASP A 276 -39.74 33.43 -37.77
CA ASP A 276 -39.81 32.81 -39.09
C ASP A 276 -38.93 31.57 -39.12
N PRO A 277 -39.47 30.40 -39.47
CA PRO A 277 -38.61 29.21 -39.57
C PRO A 277 -37.46 29.38 -40.56
N LYS A 278 -37.66 30.13 -41.64
CA LYS A 278 -36.56 30.39 -42.57
C LYS A 278 -35.49 31.30 -41.96
N LYS A 279 -35.79 31.96 -40.85
CA LYS A 279 -34.80 32.72 -40.11
C LYS A 279 -34.17 31.89 -38.99
N ARG A 280 -34.92 30.97 -38.40
CA ARG A 280 -34.34 30.06 -37.42
C ARG A 280 -33.29 29.16 -38.06
N VAL A 281 -33.54 28.73 -39.30
CA VAL A 281 -32.57 27.86 -39.97
C VAL A 281 -31.28 28.60 -40.24
N GLN A 282 -31.35 29.93 -40.44
CA GLN A 282 -30.12 30.71 -40.63
C GLN A 282 -29.34 30.83 -39.33
N ILE A 283 -30.03 30.99 -38.21
CA ILE A 283 -29.36 31.06 -36.92
C ILE A 283 -28.69 29.74 -36.59
N ILE A 284 -29.37 28.63 -36.86
CA ILE A 284 -28.80 27.31 -36.57
C ILE A 284 -27.55 27.07 -37.39
N ARG A 285 -27.64 27.29 -38.70
CA ARG A 285 -26.47 27.14 -39.56
C ARG A 285 -25.34 28.08 -39.14
N TYR A 286 -25.69 29.27 -38.64
CA TYR A 286 -24.68 30.17 -38.10
C TYR A 286 -23.97 29.55 -36.91
N PHE A 287 -24.73 28.93 -36.00
CA PHE A 287 -24.13 28.30 -34.83
C PHE A 287 -23.40 27.01 -35.18
N ILE A 288 -23.84 26.31 -36.23
CA ILE A 288 -23.09 25.16 -36.72
C ILE A 288 -21.72 25.61 -37.22
N GLN A 289 -21.70 26.74 -37.92
CA GLN A 289 -20.42 27.29 -38.39
C GLN A 289 -19.56 27.77 -37.23
N VAL A 290 -20.18 28.33 -36.18
CA VAL A 290 -19.43 28.74 -35.00
C VAL A 290 -18.80 27.52 -34.34
N ALA A 291 -19.62 26.49 -34.07
CA ALA A 291 -19.11 25.28 -33.42
C ALA A 291 -18.01 24.63 -34.25
N ASP A 292 -18.14 24.66 -35.58
CA ASP A 292 -17.12 24.07 -36.42
C ASP A 292 -15.83 24.87 -36.38
N LYS A 293 -15.93 26.20 -36.37
CA LYS A 293 -14.74 27.03 -36.25
C LYS A 293 -14.08 26.84 -34.89
N CYS A 294 -14.88 26.61 -33.84
CA CYS A 294 -14.29 26.26 -32.55
C CYS A 294 -13.55 24.93 -32.62
N ARG A 295 -14.08 23.97 -33.38
CA ARG A 295 -13.41 22.69 -33.55
C ARG A 295 -12.07 22.87 -34.25
N GLN A 296 -12.01 23.78 -35.24
CA GLN A 296 -10.74 24.07 -35.89
C GLN A 296 -9.77 24.76 -34.93
N TYR A 297 -10.28 25.51 -33.96
CA TYR A 297 -9.46 26.19 -32.96
C TYR A 297 -9.09 25.29 -31.79
N ASN A 298 -9.38 23.99 -31.88
CA ASN A 298 -9.17 23.04 -30.78
C ASN A 298 -9.94 23.46 -29.52
N ASN A 299 -11.06 24.14 -29.69
CA ASN A 299 -11.93 24.52 -28.58
C ASN A 299 -13.11 23.55 -28.57
N PHE A 300 -12.91 22.42 -27.91
CA PHE A 300 -13.95 21.40 -27.85
C PHE A 300 -14.94 21.64 -26.72
N SER A 301 -14.67 22.61 -25.85
CA SER A 301 -15.65 22.98 -24.83
C SER A 301 -16.80 23.76 -25.44
N SER A 302 -16.51 24.84 -26.15
CA SER A 302 -17.57 25.64 -26.76
C SER A 302 -18.30 24.86 -27.84
N MET A 303 -17.57 24.04 -28.59
CA MET A 303 -18.20 23.27 -29.67
C MET A 303 -19.21 22.28 -29.11
N THR A 304 -18.86 21.59 -28.02
CA THR A 304 -19.79 20.64 -27.41
CA THR A 304 -19.79 20.64 -27.42
C THR A 304 -20.99 21.35 -26.79
N ALA A 305 -20.75 22.55 -26.23
CA ALA A 305 -21.86 23.29 -25.63
C ALA A 305 -22.85 23.76 -26.70
N ILE A 306 -22.35 24.08 -27.90
CA ILE A 306 -23.22 24.56 -28.96
C ILE A 306 -24.06 23.42 -29.51
N ILE A 307 -23.42 22.30 -29.84
CA ILE A 307 -24.14 21.19 -30.48
C ILE A 307 -25.09 20.51 -29.49
N SER A 308 -24.78 20.58 -28.20
CA SER A 308 -25.72 20.03 -27.21
C SER A 308 -27.02 20.80 -27.22
N ALA A 309 -26.95 22.11 -27.44
CA ALA A 309 -28.17 22.89 -27.58
C ALA A 309 -28.91 22.54 -28.87
N LEU A 310 -28.17 22.35 -29.96
CA LEU A 310 -28.80 22.01 -31.23
C LEU A 310 -29.50 20.65 -31.14
N TYR A 311 -28.93 19.71 -30.40
CA TYR A 311 -29.54 18.40 -30.21
C TYR A 311 -30.52 18.36 -29.05
N SER A 312 -30.70 19.48 -28.34
CA SER A 312 -31.62 19.50 -27.21
C SER A 312 -33.06 19.40 -27.69
N SER A 313 -33.93 18.93 -26.80
CA SER A 313 -35.34 18.72 -27.14
C SER A 313 -36.02 19.95 -27.73
N PRO A 314 -35.90 21.16 -27.16
CA PRO A 314 -36.61 22.30 -27.76
C PRO A 314 -36.18 22.60 -29.18
N ILE A 315 -34.90 22.42 -29.50
CA ILE A 315 -34.41 22.73 -30.84
C ILE A 315 -34.55 21.54 -31.77
N HIS A 316 -34.34 20.32 -31.26
CA HIS A 316 -34.42 19.13 -32.09
C HIS A 316 -35.82 18.95 -32.68
N ARG A 317 -36.87 19.33 -31.93
CA ARG A 317 -38.23 19.13 -32.36
C ARG A 317 -38.73 20.16 -33.37
N LEU A 318 -37.89 21.11 -33.78
CA LEU A 318 -38.30 22.15 -34.73
C LEU A 318 -38.29 21.57 -36.15
N LYS A 319 -39.23 20.66 -36.38
CA LYS A 319 -39.25 19.91 -37.64
C LYS A 319 -39.42 20.83 -38.84
N LYS A 320 -40.28 21.84 -38.72
CA LYS A 320 -40.50 22.75 -39.85
C LYS A 320 -39.24 23.54 -40.19
N THR A 321 -38.37 23.76 -39.21
CA THR A 321 -37.15 24.53 -39.45
C THR A 321 -36.05 23.66 -40.08
N TRP A 322 -35.85 22.46 -39.55
CA TRP A 322 -34.83 21.57 -40.08
C TRP A 322 -35.10 21.16 -41.52
N GLU A 323 -36.36 21.22 -41.97
CA GLU A 323 -36.66 20.93 -43.37
C GLU A 323 -35.93 21.88 -44.32
N TYR A 324 -35.51 23.05 -43.84
CA TYR A 324 -34.78 24.01 -44.65
C TYR A 324 -33.27 23.81 -44.60
N MET A 325 -32.77 22.97 -43.70
CA MET A 325 -31.34 22.85 -43.50
C MET A 325 -30.68 22.15 -44.68
N ASN A 326 -29.60 22.74 -45.18
CA ASN A 326 -28.86 22.14 -46.28
C ASN A 326 -28.09 20.91 -45.81
N ALA A 327 -27.89 19.96 -46.73
CA ALA A 327 -27.21 18.71 -46.39
C ALA A 327 -25.81 18.98 -45.86
N ASP A 328 -25.14 20.00 -46.39
CA ASP A 328 -23.78 20.31 -45.95
C ASP A 328 -23.74 20.68 -44.47
N ALA A 329 -24.66 21.56 -44.04
CA ALA A 329 -24.69 21.96 -42.63
C ALA A 329 -25.10 20.80 -41.73
N LEU A 330 -26.00 19.94 -42.21
CA LEU A 330 -26.40 18.78 -41.42
C LEU A 330 -25.24 17.82 -41.22
N SER A 331 -24.47 17.55 -42.28
CA SER A 331 -23.33 16.66 -42.17
C SER A 331 -22.34 17.17 -41.13
N ASN A 332 -21.98 18.46 -41.22
CA ASN A 332 -21.02 19.04 -40.30
C ASN A 332 -21.50 18.92 -38.86
N LEU A 333 -22.81 19.07 -38.63
CA LEU A 333 -23.35 18.93 -37.29
C LEU A 333 -23.31 17.48 -36.82
N LYS A 334 -23.64 16.53 -37.69
CA LYS A 334 -23.58 15.13 -37.32
C LYS A 334 -22.14 14.70 -37.03
N ASN A 335 -21.18 15.17 -37.84
CA ASN A 335 -19.79 14.80 -37.61
C ASN A 335 -19.29 15.32 -36.27
N MET A 336 -19.67 16.54 -35.90
CA MET A 336 -19.29 17.06 -34.59
C MET A 336 -19.96 16.27 -33.48
N ASN A 337 -21.18 15.78 -33.70
CA ASN A 337 -21.85 14.97 -32.70
C ASN A 337 -21.27 13.56 -32.63
N LYS A 338 -20.80 13.01 -33.75
CA LYS A 338 -20.05 11.77 -33.70
C LYS A 338 -18.74 11.94 -32.95
N LEU A 339 -18.09 13.10 -33.14
CA LEU A 339 -16.82 13.36 -32.47
C LEU A 339 -16.97 13.35 -30.95
N MET A 340 -18.08 13.87 -30.45
CA MET A 340 -18.32 13.99 -29.02
C MET A 340 -19.43 13.06 -28.55
N ASN A 341 -19.46 11.83 -29.09
CA ASN A 341 -20.49 10.87 -28.72
C ASN A 341 -20.26 10.39 -27.30
N SER A 342 -21.11 10.84 -26.37
CA SER A 342 -20.98 10.44 -24.98
C SER A 342 -21.30 8.95 -24.80
N SER A 343 -22.34 8.47 -25.50
CA SER A 343 -22.70 7.05 -25.42
C SER A 343 -21.62 6.13 -25.99
N ARG A 344 -20.67 6.66 -26.75
CA ARG A 344 -19.55 5.87 -27.27
C ARG A 344 -18.23 6.31 -26.66
N ASN A 345 -18.25 6.75 -25.40
CA ASN A 345 -17.06 7.05 -24.60
C ASN A 345 -16.18 8.12 -25.22
N PHE A 346 -16.75 9.01 -26.04
CA PHE A 346 -15.99 10.09 -26.67
C PHE A 346 -14.80 9.54 -27.45
N ASN A 347 -14.97 8.36 -28.04
CA ASN A 347 -13.84 7.64 -28.62
C ASN A 347 -13.11 8.47 -29.66
N GLU A 348 -13.84 9.09 -30.58
CA GLU A 348 -13.18 9.89 -31.62
C GLU A 348 -12.54 11.13 -31.02
N TYR A 349 -13.18 11.73 -30.01
CA TYR A 349 -12.59 12.88 -29.32
C TYR A 349 -11.28 12.51 -28.65
N ARG A 350 -11.22 11.34 -28.00
CA ARG A 350 -9.98 10.91 -27.36
C ARG A 350 -8.87 10.70 -28.38
N ASP A 351 -9.22 10.14 -29.54
CA ASP A 351 -8.22 9.92 -30.58
C ASP A 351 -7.68 11.23 -31.13
N VAL A 352 -8.49 12.28 -31.13
CA VAL A 352 -8.06 13.57 -31.65
C VAL A 352 -7.25 14.34 -30.61
N LEU A 353 -7.72 14.35 -29.35
CA LEU A 353 -7.02 15.05 -28.28
C LEU A 353 -5.62 14.51 -28.07
N LYS A 354 -5.38 13.25 -28.44
CA LYS A 354 -4.08 12.64 -28.25
C LYS A 354 -3.00 13.27 -29.12
N PHE A 355 -3.38 14.05 -30.13
CA PHE A 355 -2.42 14.61 -31.09
C PHE A 355 -2.48 16.14 -31.12
N ILE A 356 -2.86 16.76 -30.01
CA ILE A 356 -2.91 18.23 -29.96
C ILE A 356 -1.49 18.79 -29.88
N GLY A 357 -0.78 18.48 -28.81
CA GLY A 357 0.61 18.93 -28.69
C GLY A 357 0.69 20.34 -28.17
N SER A 358 1.52 21.17 -28.82
CA SER A 358 1.76 22.53 -28.38
C SER A 358 0.71 23.51 -28.90
N GLU A 359 -0.23 23.06 -29.72
CA GLU A 359 -1.29 23.95 -30.19
C GLU A 359 -2.21 24.31 -29.04
N PRO A 360 -2.72 25.54 -29.00
CA PRO A 360 -3.68 25.90 -27.95
C PRO A 360 -4.96 25.09 -28.07
N CYS A 361 -5.57 24.78 -26.92
CA CYS A 361 -6.71 23.88 -26.89
C CYS A 361 -7.54 24.14 -25.64
N VAL A 362 -8.85 24.17 -25.81
CA VAL A 362 -9.79 24.15 -24.69
C VAL A 362 -10.50 22.80 -24.72
N PRO A 363 -10.08 21.82 -23.91
CA PRO A 363 -10.69 20.50 -23.97
C PRO A 363 -12.10 20.50 -23.40
N PHE A 364 -12.83 19.43 -23.72
CA PHE A 364 -14.14 19.20 -23.11
C PHE A 364 -13.92 18.70 -21.68
N PHE A 365 -14.15 19.57 -20.71
CA PHE A 365 -13.83 19.24 -19.32
C PHE A 365 -14.67 18.09 -18.78
N GLY A 366 -15.83 17.82 -19.39
CA GLY A 366 -16.68 16.73 -18.92
C GLY A 366 -16.01 15.38 -18.98
N VAL A 367 -15.10 15.17 -19.95
CA VAL A 367 -14.42 13.90 -20.08
C VAL A 367 -13.48 13.65 -18.89
N TYR A 368 -12.79 14.70 -18.44
CA TYR A 368 -11.93 14.56 -17.27
C TYR A 368 -12.73 14.16 -16.03
N LEU A 369 -13.86 14.83 -15.81
CA LEU A 369 -14.66 14.55 -14.62
C LEU A 369 -15.18 13.12 -14.61
N SER A 370 -15.69 12.64 -15.76
CA SER A 370 -16.23 11.29 -15.80
C SER A 370 -15.12 10.26 -15.63
N ASP A 371 -13.96 10.48 -16.23
CA ASP A 371 -12.82 9.58 -16.00
C ASP A 371 -12.46 9.55 -14.53
N LEU A 372 -12.36 10.72 -13.90
CA LEU A 372 -12.05 10.77 -12.47
C LEU A 372 -13.16 10.12 -11.65
N THR A 373 -14.42 10.40 -11.99
CA THR A 373 -15.53 9.82 -11.26
C THR A 373 -15.54 8.30 -11.39
N PHE A 374 -15.17 7.79 -12.56
CA PHE A 374 -15.15 6.34 -12.75
C PHE A 374 -14.12 5.67 -11.85
N VAL A 375 -12.91 6.23 -11.77
CA VAL A 375 -11.88 5.58 -10.98
C VAL A 375 -12.12 5.79 -9.49
N TYR A 376 -12.77 6.89 -9.12
CA TYR A 376 -13.06 7.12 -7.70
C TYR A 376 -14.07 6.11 -7.16
N HIS A 377 -15.08 5.79 -7.95
CA HIS A 377 -16.12 4.87 -7.53
C HIS A 377 -15.86 3.42 -7.93
N GLY A 378 -14.93 3.20 -8.86
CA GLY A 378 -14.59 1.84 -9.28
C GLY A 378 -13.53 1.16 -8.45
N ASN A 379 -12.79 1.91 -7.63
CA ASN A 379 -11.72 1.34 -6.84
C ASN A 379 -11.92 1.67 -5.37
N PRO A 380 -11.57 0.76 -4.47
CA PRO A 380 -11.71 1.05 -3.04
C PRO A 380 -10.62 1.97 -2.53
N ASP A 381 -10.95 2.75 -1.51
CA ASP A 381 -9.97 3.60 -0.85
C ASP A 381 -8.94 2.78 -0.07
N TYR A 382 -9.30 1.55 0.32
CA TYR A 382 -8.43 0.68 1.10
C TYR A 382 -8.39 -0.70 0.46
N LEU A 383 -7.27 -1.39 0.65
CA LEU A 383 -7.08 -2.72 0.09
C LEU A 383 -7.54 -3.77 1.09
N TYR A 384 -8.37 -4.70 0.63
CA TYR A 384 -8.90 -5.79 1.46
C TYR A 384 -9.59 -5.27 2.71
N ASN A 385 -10.14 -4.06 2.66
CA ASN A 385 -10.86 -3.44 3.76
C ASN A 385 -9.98 -3.30 5.01
N ARG A 386 -8.67 -3.17 4.83
CA ARG A 386 -7.75 -2.89 5.92
C ARG A 386 -7.43 -1.40 5.93
N THR A 387 -7.79 -0.72 7.01
CA THR A 387 -7.60 0.72 7.08
C THR A 387 -6.13 1.11 6.95
N ARG A 388 -5.22 0.27 7.44
CA ARG A 388 -3.79 0.52 7.34
C ARG A 388 -3.21 0.03 6.01
N GLN A 389 -4.05 -0.25 5.02
CA GLN A 389 -3.60 -0.66 3.69
C GLN A 389 -4.24 0.27 2.66
N VAL A 390 -3.77 1.52 2.66
CA VAL A 390 -4.30 2.52 1.74
C VAL A 390 -4.03 2.10 0.31
N ASN A 391 -5.07 2.16 -0.53
CA ASN A 391 -4.92 1.83 -1.94
C ASN A 391 -4.18 2.95 -2.67
N PHE A 392 -2.85 2.83 -2.75
CA PHE A 392 -2.06 3.84 -3.44
C PHE A 392 -2.28 3.80 -4.96
N ALA A 393 -2.56 2.62 -5.51
CA ALA A 393 -2.79 2.52 -6.95
C ALA A 393 -3.99 3.35 -7.39
N LYS A 394 -5.01 3.47 -6.54
CA LYS A 394 -6.15 4.32 -6.88
C LYS A 394 -5.73 5.78 -7.00
N ARG A 395 -4.81 6.23 -6.14
CA ARG A 395 -4.31 7.58 -6.25
C ARG A 395 -3.45 7.75 -7.49
N ALA A 396 -2.69 6.70 -7.85
CA ALA A 396 -1.83 6.78 -9.04
C ALA A 396 -2.66 6.92 -10.31
N LYS A 397 -3.73 6.15 -10.45
CA LYS A 397 -4.62 6.27 -11.60
C LYS A 397 -5.22 7.67 -11.65
N THR A 398 -5.75 8.14 -10.52
CA THR A 398 -6.33 9.48 -10.46
C THR A 398 -5.29 10.54 -10.80
N SER A 399 -4.05 10.36 -10.33
CA SER A 399 -2.99 11.33 -10.62
C SER A 399 -2.72 11.42 -12.11
N GLU A 400 -2.71 10.28 -12.81
CA GLU A 400 -2.44 10.31 -14.25
C GLU A 400 -3.56 11.01 -15.02
N ILE A 401 -4.79 10.88 -14.56
CA ILE A 401 -5.91 11.49 -15.27
C ILE A 401 -5.93 13.00 -15.04
N VAL A 402 -5.89 13.42 -13.77
CA VAL A 402 -6.05 14.84 -13.46
C VAL A 402 -4.86 15.66 -13.96
N SER A 403 -3.68 15.04 -14.05
CA SER A 403 -2.50 15.76 -14.54
C SER A 403 -2.63 16.16 -16.00
N GLY A 404 -3.57 15.57 -16.74
CA GLY A 404 -3.73 15.92 -18.14
C GLY A 404 -4.24 17.32 -18.37
N ILE A 405 -5.00 17.86 -17.41
CA ILE A 405 -5.58 19.19 -17.60
C ILE A 405 -4.50 20.26 -17.71
N ASP A 406 -3.29 19.99 -17.25
CA ASP A 406 -2.20 20.94 -17.37
C ASP A 406 -1.57 20.93 -18.75
N ARG A 407 -1.75 19.87 -19.53
CA ARG A 407 -1.13 19.80 -20.85
C ARG A 407 -1.60 20.94 -21.75
N PHE A 408 -2.85 21.39 -21.58
CA PHE A 408 -3.45 22.39 -22.45
C PHE A 408 -3.42 23.79 -21.83
N LYS A 409 -2.56 24.02 -20.83
CA LYS A 409 -2.32 25.35 -20.31
C LYS A 409 -0.95 25.88 -20.68
N THR A 410 -0.25 25.21 -21.60
CA THR A 410 1.12 25.60 -21.93
C THR A 410 1.15 26.80 -22.88
N THR A 411 0.33 26.79 -23.92
CA THR A 411 0.27 27.88 -24.88
C THR A 411 -1.16 28.41 -24.96
N GLY A 412 -1.28 29.73 -25.08
CA GLY A 412 -2.57 30.39 -25.15
C GLY A 412 -2.95 30.77 -26.58
N TYR A 413 -4.14 31.36 -26.68
CA TYR A 413 -4.70 31.75 -27.97
C TYR A 413 -4.29 33.18 -28.31
N ASN A 414 -3.76 33.36 -29.52
CA ASN A 414 -3.33 34.68 -30.00
C ASN A 414 -4.46 35.31 -30.81
N PHE A 415 -5.50 35.72 -30.09
CA PHE A 415 -6.67 36.37 -30.67
C PHE A 415 -6.85 37.74 -30.01
N GLN A 416 -7.10 38.75 -30.83
CA GLN A 416 -7.46 40.06 -30.29
C GLN A 416 -8.86 39.98 -29.67
N GLU A 417 -8.95 40.40 -28.41
CA GLU A 417 -10.24 40.41 -27.72
C GLU A 417 -11.07 41.59 -28.19
N VAL A 418 -12.33 41.32 -28.50
CA VAL A 418 -13.28 42.37 -28.88
C VAL A 418 -14.20 42.63 -27.69
N PRO A 419 -13.98 43.71 -26.93
CA PRO A 419 -14.80 43.93 -25.72
C PRO A 419 -16.28 44.04 -26.01
N GLU A 420 -16.67 44.62 -27.16
CA GLU A 420 -18.08 44.77 -27.48
C GLU A 420 -18.77 43.42 -27.56
N ILE A 421 -18.09 42.42 -28.13
CA ILE A 421 -18.66 41.09 -28.18
C ILE A 421 -18.61 40.41 -26.82
N GLN A 422 -17.57 40.67 -26.03
CA GLN A 422 -17.47 40.09 -24.70
C GLN A 422 -18.57 40.60 -23.78
N LYS A 423 -18.88 41.90 -23.85
CA LYS A 423 -19.97 42.44 -23.04
C LYS A 423 -21.31 41.95 -23.57
N PHE A 424 -21.43 41.81 -24.89
CA PHE A 424 -22.67 41.30 -25.47
C PHE A 424 -22.95 39.88 -25.00
N LEU A 425 -21.92 39.02 -24.98
CA LEU A 425 -22.09 37.66 -24.49
C LEU A 425 -22.39 37.64 -23.00
N ASP A 426 -21.73 38.50 -22.23
CA ASP A 426 -22.00 38.56 -20.78
C ASP A 426 -23.46 38.87 -20.52
N ALA A 427 -24.04 39.80 -21.27
CA ALA A 427 -25.43 40.19 -21.04
C ALA A 427 -26.38 39.04 -21.32
N TRP A 428 -26.25 38.41 -22.49
CA TRP A 428 -27.19 37.36 -22.88
C TRP A 428 -27.01 36.10 -22.03
N PHE A 429 -25.76 35.77 -21.67
CA PHE A 429 -25.53 34.55 -20.88
C PHE A 429 -26.29 34.59 -19.57
N GLU A 430 -26.53 35.77 -19.02
CA GLU A 430 -27.31 35.87 -17.79
C GLU A 430 -28.81 35.90 -18.06
N LYS A 431 -29.24 36.49 -19.17
CA LYS A 431 -30.66 36.67 -19.45
C LYS A 431 -31.36 35.39 -19.86
N CYS A 432 -30.66 34.47 -20.52
CA CYS A 432 -31.32 33.37 -21.19
C CYS A 432 -31.90 32.38 -20.18
N PRO A 433 -33.09 31.85 -20.43
CA PRO A 433 -33.64 30.78 -19.58
C PRO A 433 -32.98 29.45 -19.87
N THR A 434 -33.25 28.50 -18.99
CA THR A 434 -32.68 27.16 -19.14
C THR A 434 -33.26 26.47 -20.36
N ILE A 435 -32.56 25.41 -20.80
CA ILE A 435 -33.05 24.60 -21.91
C ILE A 435 -34.41 23.99 -21.56
N ASP A 436 -34.61 23.63 -20.29
CA ASP A 436 -35.88 23.05 -19.88
C ASP A 436 -37.02 24.06 -19.99
N GLU A 437 -36.76 25.32 -19.61
CA GLU A 437 -37.80 26.35 -19.77
C GLU A 437 -38.05 26.67 -21.24
N GLN A 438 -37.03 26.47 -22.09
CA GLN A 438 -37.18 26.75 -23.52
C GLN A 438 -38.04 25.72 -24.23
N TYR A 439 -38.36 24.60 -23.58
CA TYR A 439 -39.24 23.61 -24.20
C TYR A 439 -40.63 24.18 -24.44
N GLN A 440 -41.13 24.98 -23.48
CA GLN A 440 -42.45 25.59 -23.67
C GLN A 440 -42.42 26.63 -24.78
N ILE A 441 -41.31 27.37 -24.92
CA ILE A 441 -41.19 28.30 -26.03
C ILE A 441 -41.25 27.56 -27.35
N SER A 442 -40.58 26.42 -27.44
CA SER A 442 -40.62 25.62 -28.67
C SER A 442 -42.04 25.14 -28.96
N LEU A 443 -42.77 24.73 -27.92
CA LEU A 443 -44.13 24.22 -28.12
C LEU A 443 -45.06 25.30 -28.66
N ASN A 444 -44.84 26.55 -28.28
CA ASN A 444 -45.64 27.63 -28.85
C ASN A 444 -45.13 28.05 -30.22
N LEU A 445 -43.81 27.99 -30.43
CA LEU A 445 -43.26 28.40 -31.72
C LEU A 445 -43.62 27.39 -32.81
N GLU A 446 -43.66 26.11 -32.46
CA GLU A 446 -44.10 25.06 -33.39
C GLU A 446 -44.92 24.05 -32.60
N PRO A 447 -46.24 24.22 -32.58
CA PRO A 447 -47.10 23.33 -31.79
C PRO A 447 -47.06 21.89 -32.31
N ARG A 448 -47.44 20.98 -31.42
CA ARG A 448 -47.58 19.58 -31.79
C ARG A 448 -48.81 19.37 -32.66
N GLU A 449 -48.78 18.29 -33.43
CA GLU A 449 -49.89 17.96 -34.32
C GLU A 449 -50.94 17.13 -33.60
N ASP B 26 25.30 -18.59 -26.48
CA ASP B 26 24.71 -18.26 -25.19
C ASP B 26 25.77 -17.85 -24.18
N VAL B 27 26.44 -18.84 -23.60
CA VAL B 27 27.50 -18.60 -22.62
C VAL B 27 28.70 -19.46 -22.99
N PRO B 28 29.91 -18.91 -22.99
CA PRO B 28 31.10 -19.73 -23.27
C PRO B 28 31.22 -20.84 -22.24
N TRP B 29 31.82 -21.96 -22.67
CA TRP B 29 31.85 -23.16 -21.84
C TRP B 29 32.56 -22.91 -20.52
N TYR B 30 33.62 -22.09 -20.54
CA TYR B 30 34.38 -21.82 -19.32
C TYR B 30 33.69 -20.82 -18.39
N LEU B 31 32.53 -20.28 -18.79
CA LEU B 31 31.74 -19.41 -17.93
C LEU B 31 30.45 -20.09 -17.45
N GLU B 32 30.33 -21.40 -17.63
CA GLU B 32 29.14 -22.12 -17.20
C GLU B 32 29.15 -22.29 -15.68
N GLY B 33 28.01 -22.77 -15.16
CA GLY B 33 27.90 -23.06 -13.75
C GLY B 33 28.74 -24.26 -13.35
N ASP B 34 28.78 -24.51 -12.05
CA ASP B 34 29.66 -25.54 -11.48
C ASP B 34 28.83 -26.59 -10.76
N ASP B 35 29.21 -27.86 -10.96
CA ASP B 35 28.61 -29.01 -10.28
C ASP B 35 27.14 -29.19 -10.62
N GLU B 36 26.65 -28.50 -11.66
CA GLU B 36 25.22 -28.55 -11.98
C GLU B 36 24.75 -29.96 -12.35
N TYR B 37 25.66 -30.82 -12.81
CA TYR B 37 25.27 -32.19 -13.13
C TYR B 37 24.79 -32.94 -11.90
N GLU B 38 25.26 -32.57 -10.71
CA GLU B 38 24.83 -33.19 -9.46
C GLU B 38 23.63 -32.49 -8.85
N LEU B 39 22.84 -31.77 -9.65
CA LEU B 39 21.63 -31.11 -9.20
C LEU B 39 20.43 -31.79 -9.85
N LEU B 40 19.50 -32.26 -9.02
CA LEU B 40 18.24 -32.80 -9.52
C LEU B 40 17.20 -31.69 -9.53
N LEU B 41 16.52 -31.53 -10.66
CA LEU B 41 15.47 -30.55 -10.82
C LEU B 41 14.12 -31.24 -10.92
N ASP B 42 13.07 -30.50 -10.58
CA ASP B 42 11.72 -31.04 -10.53
C ASP B 42 10.98 -30.74 -11.83
N VAL B 43 9.64 -30.85 -11.79
CA VAL B 43 8.85 -30.66 -13.01
C VAL B 43 8.81 -29.21 -13.44
N LYS B 44 8.90 -28.28 -12.49
CA LYS B 44 8.83 -26.86 -12.79
C LYS B 44 10.19 -26.22 -12.99
N GLY B 45 11.28 -26.97 -12.82
CA GLY B 45 12.61 -26.44 -12.95
C GLY B 45 13.28 -26.04 -11.64
N ASN B 46 12.61 -26.24 -10.51
CA ASN B 46 13.17 -25.89 -9.22
C ASN B 46 14.10 -26.98 -8.73
N ILE B 47 15.04 -26.59 -7.87
CA ILE B 47 16.00 -27.55 -7.32
C ILE B 47 15.30 -28.39 -6.26
N LYS B 48 15.21 -29.70 -6.51
CA LYS B 48 14.64 -30.60 -5.52
C LYS B 48 15.70 -31.42 -4.79
N GLY B 49 16.95 -31.39 -5.24
CA GLY B 49 17.99 -32.10 -4.54
C GLY B 49 19.34 -31.84 -5.15
N GLY B 50 20.36 -32.42 -4.53
CA GLY B 50 21.72 -32.28 -5.01
C GLY B 50 22.71 -32.65 -3.94
N SER B 51 23.97 -32.77 -4.36
CA SER B 51 25.05 -32.98 -3.43
C SER B 51 25.34 -31.69 -2.66
N LYS B 52 26.12 -31.83 -1.58
CA LYS B 52 26.54 -30.66 -0.82
C LYS B 52 27.30 -29.68 -1.70
N GLU B 53 28.16 -30.20 -2.58
CA GLU B 53 28.93 -29.33 -3.47
C GLU B 53 28.02 -28.63 -4.48
N ALA B 54 27.05 -29.36 -5.03
CA ALA B 54 26.18 -28.76 -6.04
C ALA B 54 25.30 -27.66 -5.45
N LEU B 55 24.88 -27.83 -4.19
CA LEU B 55 23.98 -26.84 -3.59
C LEU B 55 24.73 -25.57 -3.20
N VAL B 56 25.98 -25.71 -2.73
CA VAL B 56 26.76 -24.53 -2.36
C VAL B 56 27.20 -23.77 -3.60
N SER B 57 27.47 -24.47 -4.71
CA SER B 57 27.79 -23.77 -5.95
C SER B 57 26.57 -22.99 -6.46
N HIS B 58 25.40 -23.60 -6.42
CA HIS B 58 24.19 -22.86 -6.77
C HIS B 58 23.94 -21.73 -5.77
N LEU B 59 24.31 -21.94 -4.51
CA LEU B 59 24.18 -20.88 -3.52
C LEU B 59 25.02 -19.66 -3.85
N THR B 60 26.11 -19.86 -4.61
CA THR B 60 27.04 -18.80 -4.96
C THR B 60 27.22 -18.74 -6.47
N HIS B 61 26.13 -18.94 -7.21
CA HIS B 61 26.20 -18.89 -8.67
C HIS B 61 26.59 -17.50 -9.14
N HIS B 62 27.26 -17.43 -10.28
CA HIS B 62 27.74 -16.16 -10.82
C HIS B 62 26.85 -15.59 -11.92
N LEU B 63 25.91 -16.38 -12.46
CA LEU B 63 25.05 -15.93 -13.54
C LEU B 63 23.62 -15.65 -13.09
N SER B 64 23.22 -16.11 -11.92
CA SER B 64 21.87 -15.91 -11.44
C SER B 64 21.88 -15.90 -9.91
N LEU B 65 20.93 -15.18 -9.33
CA LEU B 65 20.77 -15.12 -7.89
C LEU B 65 19.38 -15.63 -7.54
N ASP B 66 19.33 -16.63 -6.68
CA ASP B 66 18.08 -17.28 -6.27
C ASP B 66 17.85 -16.96 -4.81
N SER B 67 17.12 -15.88 -4.55
CA SER B 67 16.92 -15.41 -3.19
C SER B 67 16.18 -16.44 -2.34
N ASN B 68 15.17 -17.09 -2.93
CA ASN B 68 14.42 -18.08 -2.18
C ASN B 68 15.29 -19.30 -1.85
N PHE B 69 16.09 -19.76 -2.80
CA PHE B 69 17.02 -20.85 -2.53
C PHE B 69 17.99 -20.47 -1.42
N ASN B 70 18.55 -19.26 -1.48
CA ASN B 70 19.54 -18.84 -0.49
C ASN B 70 18.94 -18.80 0.91
N ALA B 71 17.73 -18.25 1.03
CA ALA B 71 17.09 -18.17 2.34
C ALA B 71 16.79 -19.55 2.90
N VAL B 72 16.31 -20.46 2.05
CA VAL B 72 16.03 -21.82 2.50
C VAL B 72 17.31 -22.52 2.93
N PHE B 73 18.38 -22.37 2.12
CA PHE B 73 19.64 -23.03 2.45
C PHE B 73 20.20 -22.51 3.77
N LEU B 74 20.31 -21.18 3.90
CA LEU B 74 20.94 -20.61 5.08
C LEU B 74 20.16 -20.92 6.35
N LEU B 75 18.85 -21.16 6.25
CA LEU B 75 18.08 -21.53 7.42
C LEU B 75 18.26 -23.01 7.77
N MET B 76 18.36 -23.87 6.76
CA MET B 76 18.29 -25.31 6.95
C MET B 76 19.62 -26.03 6.72
N PHE B 77 20.73 -25.30 6.58
CA PHE B 77 21.96 -25.95 6.14
C PHE B 77 22.46 -26.99 7.13
N SER B 78 22.21 -26.78 8.43
CA SER B 78 22.72 -27.71 9.44
C SER B 78 22.07 -29.08 9.36
N SER B 79 20.84 -29.17 8.83
CA SER B 79 20.23 -30.47 8.61
C SER B 79 20.78 -31.18 7.37
N MET B 80 21.62 -30.51 6.58
CA MET B 80 22.21 -31.07 5.39
C MET B 80 23.72 -31.22 5.47
N MET B 81 24.41 -30.34 6.19
CA MET B 81 25.85 -30.38 6.31
C MET B 81 26.25 -29.63 7.58
N SER B 82 27.50 -29.82 7.99
CA SER B 82 28.00 -29.12 9.16
C SER B 82 28.45 -27.72 8.79
N LEU B 83 28.65 -26.88 9.81
CA LEU B 83 29.18 -25.55 9.57
C LEU B 83 30.58 -25.62 8.95
N GLY B 84 31.42 -26.52 9.47
CA GLY B 84 32.74 -26.68 8.88
C GLY B 84 32.69 -27.10 7.43
N GLU B 85 31.79 -28.04 7.09
CA GLU B 85 31.63 -28.43 5.70
C GLU B 85 31.17 -27.25 4.85
N LEU B 86 30.24 -26.45 5.36
CA LEU B 86 29.75 -25.29 4.61
C LEU B 86 30.87 -24.28 4.38
N ILE B 87 31.64 -23.98 5.42
CA ILE B 87 32.70 -22.98 5.30
C ILE B 87 33.78 -23.46 4.33
N SER B 88 34.18 -24.72 4.43
CA SER B 88 35.18 -25.25 3.51
C SER B 88 34.70 -25.17 2.06
N LEU B 89 33.42 -25.47 1.82
CA LEU B 89 32.89 -25.38 0.46
C LEU B 89 32.81 -23.93 -0.01
N LEU B 90 32.49 -23.01 0.90
CA LEU B 90 32.44 -21.60 0.52
C LEU B 90 33.83 -21.04 0.27
N ILE B 91 34.80 -21.44 1.09
CA ILE B 91 36.18 -20.99 0.89
C ILE B 91 36.73 -21.56 -0.41
N ALA B 92 36.38 -22.80 -0.74
CA ALA B 92 36.78 -23.37 -2.02
C ALA B 92 36.17 -22.59 -3.19
N ARG B 93 34.91 -22.16 -3.04
CA ARG B 93 34.29 -21.34 -4.08
C ARG B 93 35.02 -20.02 -4.23
N PHE B 94 35.47 -19.45 -3.12
CA PHE B 94 36.21 -18.19 -3.18
C PHE B 94 37.53 -18.36 -3.91
N ASN B 95 38.17 -19.52 -3.73
CA ASN B 95 39.45 -19.82 -4.36
C ASN B 95 39.30 -20.77 -5.54
N ILE B 96 38.24 -20.57 -6.34
CA ILE B 96 37.98 -21.43 -7.49
C ILE B 96 39.03 -21.19 -8.57
N GLU B 97 39.58 -22.28 -9.12
CA GLU B 97 40.55 -22.19 -10.19
C GLU B 97 39.86 -22.18 -11.55
N PRO B 98 40.47 -21.59 -12.57
CA PRO B 98 39.91 -21.64 -13.92
C PRO B 98 40.11 -23.00 -14.54
N PRO B 99 39.36 -23.33 -15.58
CA PRO B 99 39.63 -24.58 -16.31
C PRO B 99 40.98 -24.49 -17.00
N GLU B 100 41.59 -25.65 -17.20
CA GLU B 100 42.87 -25.68 -17.90
C GLU B 100 42.67 -25.37 -19.38
N GLY B 101 43.72 -24.83 -20.00
CA GLY B 101 43.71 -24.58 -21.42
C GLY B 101 43.11 -23.26 -21.87
N LEU B 102 42.81 -22.35 -20.95
CA LEU B 102 42.27 -21.05 -21.34
C LEU B 102 43.39 -20.14 -21.82
N SER B 103 43.10 -19.36 -22.86
CA SER B 103 44.03 -18.33 -23.29
C SER B 103 44.06 -17.20 -22.27
N TYR B 104 45.02 -16.28 -22.45
CA TYR B 104 45.14 -15.15 -21.54
C TYR B 104 43.90 -14.27 -21.60
N GLU B 105 43.35 -14.07 -22.79
CA GLU B 105 42.13 -13.28 -22.92
C GLU B 105 40.95 -13.99 -22.26
N GLU B 106 40.79 -15.30 -22.55
CA GLU B 106 39.68 -16.04 -21.94
C GLU B 106 39.82 -16.09 -20.43
N TYR B 107 41.05 -16.22 -19.92
CA TYR B 107 41.25 -16.22 -18.48
C TYR B 107 40.81 -14.90 -17.86
N ASN B 108 41.15 -13.78 -18.49
CA ASN B 108 40.74 -12.48 -17.98
C ASN B 108 39.22 -12.33 -18.01
N LEU B 109 38.58 -12.86 -19.05
CA LEU B 109 37.12 -12.86 -19.06
C LEU B 109 36.56 -13.74 -17.95
N TRP B 110 37.22 -14.86 -17.68
CA TRP B 110 36.78 -15.75 -16.61
C TRP B 110 36.88 -15.06 -15.25
N VAL B 111 37.93 -14.28 -15.03
CA VAL B 111 38.08 -13.57 -13.76
C VAL B 111 36.98 -12.53 -13.61
N SER B 112 36.73 -11.75 -14.67
CA SER B 112 35.78 -10.65 -14.57
C SER B 112 34.35 -11.16 -14.50
N LYS B 113 34.02 -12.22 -15.24
CA LYS B 113 32.65 -12.65 -15.37
C LYS B 113 32.29 -13.83 -14.47
N LYS B 114 33.26 -14.60 -13.98
CA LYS B 114 32.95 -15.76 -13.17
C LYS B 114 33.65 -15.75 -11.81
N ARG B 115 34.97 -15.61 -11.77
CA ARG B 115 35.69 -15.71 -10.50
C ARG B 115 35.26 -14.61 -9.54
N ASN B 116 35.33 -13.36 -9.97
CA ASN B 116 35.03 -12.25 -9.06
C ASN B 116 33.56 -12.23 -8.64
N PRO B 117 32.60 -12.46 -9.55
CA PRO B 117 31.20 -12.58 -9.07
C PRO B 117 31.00 -13.66 -8.03
N ILE B 118 31.62 -14.83 -8.22
CA ILE B 118 31.53 -15.89 -7.20
C ILE B 118 32.09 -15.40 -5.87
N ARG B 119 33.24 -14.71 -5.92
CA ARG B 119 33.84 -14.21 -4.69
C ARG B 119 32.90 -13.23 -3.97
N LEU B 120 32.22 -12.38 -4.73
CA LEU B 120 31.29 -11.45 -4.11
C LEU B 120 30.07 -12.17 -3.54
N ARG B 121 29.66 -13.29 -4.16
CA ARG B 121 28.54 -14.05 -3.62
C ARG B 121 28.92 -14.79 -2.34
N VAL B 122 30.15 -15.30 -2.26
CA VAL B 122 30.58 -16.00 -1.06
C VAL B 122 30.57 -15.08 0.15
N ILE B 123 31.09 -13.86 -0.01
CA ILE B 123 31.12 -12.91 1.09
C ILE B 123 29.70 -12.54 1.50
N ASN B 124 28.82 -12.30 0.52
CA ASN B 124 27.43 -11.99 0.83
C ASN B 124 26.76 -13.13 1.59
N ILE B 125 27.03 -14.38 1.18
CA ILE B 125 26.45 -15.52 1.87
C ILE B 125 26.99 -15.64 3.29
N MET B 126 28.29 -15.37 3.47
CA MET B 126 28.87 -15.42 4.82
C MET B 126 28.28 -14.35 5.71
N LYS B 127 28.08 -13.14 5.17
CA LYS B 127 27.45 -12.07 5.95
C LYS B 127 26.01 -12.43 6.29
N LEU B 128 25.27 -12.95 5.30
CA LEU B 128 23.88 -13.32 5.54
C LEU B 128 23.76 -14.46 6.55
N LEU B 129 24.75 -15.35 6.58
CA LEU B 129 24.73 -16.43 7.57
C LEU B 129 24.98 -15.89 8.98
N LEU B 130 25.94 -14.98 9.13
CA LEU B 130 26.27 -14.47 10.46
C LEU B 130 25.24 -13.47 10.95
N GLU B 131 24.69 -12.65 10.06
CA GLU B 131 23.74 -11.62 10.48
C GLU B 131 22.40 -12.23 10.85
N LYS B 132 21.86 -13.11 10.01
CA LYS B 132 20.45 -13.48 10.11
C LYS B 132 20.19 -14.96 10.35
N ASN B 133 21.13 -15.84 10.05
CA ASN B 133 20.89 -17.28 10.13
C ASN B 133 21.90 -17.96 11.05
N TRP B 134 22.27 -17.30 12.14
CA TRP B 134 23.27 -17.85 13.05
C TRP B 134 22.60 -18.43 14.29
N SER B 135 22.81 -19.72 14.51
CA SER B 135 22.45 -20.37 15.75
C SER B 135 23.70 -20.53 16.61
N MET B 136 23.57 -20.20 17.89
CA MET B 136 24.72 -20.36 18.79
C MET B 136 25.16 -21.81 18.90
N SER B 137 24.29 -22.75 18.56
CA SER B 137 24.68 -24.15 18.54
C SER B 137 25.68 -24.46 17.43
N TYR B 138 25.83 -23.57 16.45
CA TYR B 138 26.86 -23.74 15.43
C TYR B 138 28.27 -23.49 15.94
N TYR B 139 28.41 -22.97 17.16
CA TYR B 139 29.70 -22.52 17.65
C TYR B 139 30.71 -23.66 17.63
N ASN B 140 31.85 -23.41 16.98
CA ASN B 140 32.93 -24.39 16.89
C ASN B 140 34.23 -23.61 16.73
N GLU B 141 35.07 -23.63 17.78
CA GLU B 141 36.25 -22.77 17.79
C GLU B 141 37.21 -23.06 16.65
N PRO B 142 37.56 -24.31 16.31
CA PRO B 142 38.44 -24.52 15.15
C PRO B 142 37.85 -23.99 13.86
N VAL B 143 36.57 -24.25 13.60
CA VAL B 143 35.94 -23.76 12.37
C VAL B 143 35.94 -22.23 12.34
N LEU B 144 35.60 -21.60 13.46
CA LEU B 144 35.51 -20.15 13.50
C LEU B 144 36.88 -19.50 13.31
N ARG B 145 37.94 -20.08 13.90
CA ARG B 145 39.27 -19.52 13.71
C ARG B 145 39.77 -19.75 12.29
N ARG B 146 39.45 -20.91 11.71
CA ARG B 146 39.74 -21.13 10.30
C ARG B 146 38.93 -20.18 9.43
N TRP B 147 37.68 -19.93 9.82
CA TRP B 147 36.88 -18.93 9.13
C TRP B 147 37.46 -17.53 9.32
N LEU B 148 37.94 -17.23 10.53
CA LEU B 148 38.48 -15.90 10.80
C LEU B 148 39.78 -15.66 10.05
N THR B 149 40.67 -16.67 10.02
CA THR B 149 41.90 -16.54 9.24
C THR B 149 41.59 -16.24 7.77
N PHE B 150 40.52 -16.84 7.24
CA PHE B 150 40.09 -16.52 5.88
C PHE B 150 39.62 -15.07 5.78
N ALA B 151 38.86 -14.60 6.77
CA ALA B 151 38.34 -13.24 6.70
C ALA B 151 39.45 -12.20 6.85
N HIS B 152 40.54 -12.56 7.53
CA HIS B 152 41.68 -11.66 7.67
C HIS B 152 42.55 -11.60 6.42
N SER B 153 42.28 -12.43 5.42
CA SER B 153 43.12 -12.46 4.23
C SER B 153 43.04 -11.14 3.48
N ASP B 154 44.12 -10.83 2.76
CA ASP B 154 44.14 -9.62 1.94
C ASP B 154 43.04 -9.64 0.88
N GLN B 155 42.70 -10.82 0.36
CA GLN B 155 41.67 -10.90 -0.67
C GLN B 155 40.30 -10.57 -0.12
N VAL B 156 39.97 -11.08 1.06
CA VAL B 156 38.67 -10.77 1.66
C VAL B 156 38.60 -9.32 2.09
N GLN B 157 39.73 -8.75 2.55
CA GLN B 157 39.75 -7.39 3.04
C GLN B 157 39.62 -6.34 1.95
N THR B 158 39.65 -6.73 0.67
CA THR B 158 39.33 -5.79 -0.39
C THR B 158 37.82 -5.58 -0.55
N TYR B 159 37.01 -6.39 0.11
CA TYR B 159 35.56 -6.28 0.02
C TYR B 159 35.02 -5.46 1.19
N SER B 160 33.98 -4.67 0.92
CA SER B 160 33.45 -3.78 1.93
C SER B 160 32.87 -4.55 3.12
N LEU B 161 32.44 -5.79 2.89
CA LEU B 161 31.93 -6.63 3.96
C LEU B 161 33.03 -7.40 4.68
N GLY B 162 34.30 -7.13 4.34
CA GLY B 162 35.39 -7.85 4.98
C GLY B 162 35.51 -7.53 6.45
N ASN B 163 35.49 -6.24 6.80
CA ASN B 163 35.54 -5.85 8.20
C ASN B 163 34.36 -6.42 8.97
N LEU B 164 33.18 -6.46 8.33
CA LEU B 164 32.00 -7.00 8.99
C LEU B 164 32.19 -8.46 9.37
N LEU B 165 32.75 -9.26 8.44
CA LEU B 165 32.98 -10.67 8.73
C LEU B 165 33.95 -10.85 9.89
N VAL B 166 35.03 -10.07 9.92
CA VAL B 166 36.00 -10.17 11.01
C VAL B 166 35.35 -9.79 12.33
N ASN B 167 34.57 -8.72 12.35
CA ASN B 167 33.95 -8.26 13.59
C ASN B 167 33.00 -9.31 14.15
N TYR B 168 32.22 -9.95 13.29
CA TYR B 168 31.28 -10.97 13.75
C TYR B 168 32.03 -12.19 14.30
N LEU B 169 33.04 -12.67 13.57
CA LEU B 169 33.75 -13.87 14.01
C LEU B 169 34.50 -13.63 15.32
N GLU B 170 35.04 -12.43 15.50
CA GLU B 170 35.76 -12.14 16.74
C GLU B 170 34.81 -12.00 17.92
N ARG B 171 33.62 -11.45 17.70
CA ARG B 171 32.62 -11.40 18.76
C ARG B 171 32.19 -12.82 19.16
N LEU B 172 32.04 -13.71 18.18
CA LEU B 172 31.69 -15.09 18.49
C LEU B 172 32.81 -15.77 19.25
N LEU B 173 34.05 -15.61 18.79
CA LEU B 173 35.18 -16.25 19.46
C LEU B 173 35.41 -15.72 20.86
N ARG B 174 34.84 -14.57 21.22
CA ARG B 174 34.90 -14.05 22.58
C ARG B 174 33.62 -14.32 23.36
N GLY B 175 32.71 -15.13 22.82
CA GLY B 175 31.49 -15.46 23.51
C GLY B 175 30.53 -14.30 23.64
N GLU B 176 29.98 -13.84 22.51
CA GLU B 176 29.01 -12.76 22.49
C GLU B 176 27.91 -13.14 21.50
N ARG B 177 27.02 -12.18 21.22
CA ARG B 177 25.93 -12.42 20.28
C ARG B 177 25.93 -11.35 19.18
N ARG B 182 13.96 -6.91 17.25
CA ARG B 182 13.78 -7.82 18.38
C ARG B 182 12.36 -7.75 18.92
N ASP B 183 12.12 -6.78 19.79
CA ASP B 183 10.79 -6.59 20.35
C ASP B 183 9.84 -6.05 19.28
N PRO B 184 8.59 -6.49 19.28
CA PRO B 184 7.62 -5.98 18.28
C PRO B 184 7.32 -4.51 18.52
N VAL B 185 6.81 -3.87 17.47
CA VAL B 185 6.47 -2.45 17.50
C VAL B 185 4.97 -2.30 17.72
N ILE B 186 4.60 -1.33 18.55
CA ILE B 186 3.19 -0.98 18.75
C ILE B 186 2.95 0.35 18.04
N PRO B 187 1.81 0.51 17.36
CA PRO B 187 1.63 1.70 16.51
C PRO B 187 1.62 2.98 17.32
N ASN B 188 1.66 4.10 16.60
CA ASN B 188 1.57 5.41 17.24
C ASN B 188 0.18 5.72 17.76
N THR B 189 -0.81 4.90 17.43
CA THR B 189 -2.18 5.13 17.88
C THR B 189 -2.34 4.74 19.34
N LYS B 190 -3.25 5.44 20.03
CA LYS B 190 -3.53 5.17 21.42
C LYS B 190 -4.40 3.92 21.57
N PRO B 191 -4.21 3.16 22.63
CA PRO B 191 -5.01 1.94 22.82
C PRO B 191 -6.44 2.29 23.22
N PRO B 192 -7.39 1.39 22.99
CA PRO B 192 -8.76 1.64 23.44
C PRO B 192 -8.82 1.71 24.96
N ALA B 193 -9.81 2.43 25.45
CA ALA B 193 -9.98 2.58 26.89
C ALA B 193 -10.20 1.22 27.54
N PRO B 194 -9.48 0.89 28.61
CA PRO B 194 -9.74 -0.38 29.32
C PRO B 194 -11.17 -0.44 29.83
N LEU B 195 -11.81 -1.58 29.62
CA LEU B 195 -13.18 -1.80 30.04
C LEU B 195 -13.29 -2.33 31.47
N THR B 196 -12.17 -2.46 32.18
CA THR B 196 -12.19 -2.90 33.57
C THR B 196 -11.00 -2.26 34.27
N LYS B 197 -11.28 -1.26 35.11
CA LYS B 197 -10.21 -0.62 35.87
C LYS B 197 -9.63 -1.61 36.88
N GLY B 198 -8.30 -1.75 36.87
CA GLY B 198 -7.68 -2.73 37.73
C GLY B 198 -7.82 -2.39 39.21
N SER B 199 -7.81 -1.10 39.54
CA SER B 199 -7.92 -0.71 40.95
C SER B 199 -9.29 -1.04 41.51
N SER B 200 -10.31 -1.15 40.65
CA SER B 200 -11.68 -1.42 41.09
C SER B 200 -12.00 -2.90 41.10
N LEU B 201 -11.06 -3.74 41.52
CA LEU B 201 -11.28 -5.18 41.65
C LEU B 201 -11.04 -5.60 43.09
N SER B 202 -11.67 -6.71 43.48
CA SER B 202 -11.46 -7.25 44.81
C SER B 202 -10.04 -7.81 44.94
N LYS B 203 -9.64 -8.08 46.18
CA LYS B 203 -8.37 -8.77 46.40
C LYS B 203 -8.41 -10.16 45.78
N LYS B 204 -9.54 -10.84 45.88
CA LYS B 204 -9.76 -12.14 45.22
C LYS B 204 -11.04 -12.04 44.41
N PRO B 205 -10.98 -11.41 43.23
CA PRO B 205 -12.20 -11.17 42.46
C PRO B 205 -12.62 -12.40 41.66
N ARG B 206 -13.89 -12.40 41.29
CA ARG B 206 -14.42 -13.45 40.43
C ARG B 206 -14.16 -13.11 38.96
N VAL B 207 -14.16 -14.14 38.12
CA VAL B 207 -13.78 -13.98 36.72
C VAL B 207 -14.75 -13.05 35.99
N MET B 208 -16.05 -13.22 36.23
CA MET B 208 -17.01 -12.41 35.50
C MET B 208 -17.08 -10.97 36.00
N ASP B 209 -16.36 -10.64 37.07
CA ASP B 209 -16.17 -9.23 37.43
C ASP B 209 -15.35 -8.49 36.38
N ILE B 210 -14.64 -9.21 35.53
CA ILE B 210 -13.81 -8.63 34.48
C ILE B 210 -14.61 -8.65 33.18
N ASP B 211 -14.76 -7.47 32.58
CA ASP B 211 -15.43 -7.37 31.27
C ASP B 211 -14.80 -8.35 30.29
N TYR B 212 -15.65 -9.14 29.64
CA TYR B 212 -15.17 -10.22 28.79
C TYR B 212 -14.25 -9.71 27.69
N VAL B 213 -14.49 -8.49 27.19
CA VAL B 213 -13.60 -7.92 26.19
C VAL B 213 -12.24 -7.64 26.80
N GLU B 214 -12.20 -7.18 28.05
CA GLU B 214 -10.92 -6.90 28.69
C GLU B 214 -10.16 -8.19 28.98
N LEU B 215 -10.86 -9.26 29.38
CA LEU B 215 -10.19 -10.54 29.56
C LEU B 215 -9.56 -11.01 28.26
N ALA B 216 -10.26 -10.84 27.14
CA ALA B 216 -9.69 -11.19 25.85
C ALA B 216 -8.45 -10.36 25.55
N ARG B 217 -8.46 -9.08 25.95
CA ARG B 217 -7.30 -8.23 25.74
C ARG B 217 -6.10 -8.69 26.57
N GLN B 218 -6.33 -8.97 27.86
CA GLN B 218 -5.23 -9.37 28.72
C GLN B 218 -4.73 -10.77 28.38
N LEU B 219 -5.63 -11.67 27.97
CA LEU B 219 -5.20 -12.97 27.48
C LEU B 219 -4.36 -12.81 26.21
N THR B 220 -4.73 -11.86 25.36
CA THR B 220 -4.01 -11.67 24.10
C THR B 220 -2.60 -11.15 24.34
N LEU B 221 -2.45 -10.12 25.18
CA LEU B 221 -1.13 -9.60 25.51
C LEU B 221 -0.27 -10.69 26.15
N ARG B 222 -0.87 -11.55 26.97
CA ARG B 222 -0.11 -12.58 27.66
C ARG B 222 0.40 -13.64 26.68
N GLU B 223 -0.47 -14.12 25.79
CA GLU B 223 -0.06 -15.13 24.83
C GLU B 223 0.91 -14.58 23.80
N PHE B 224 0.65 -13.35 23.33
CA PHE B 224 1.53 -12.75 22.32
C PHE B 224 2.95 -12.59 22.83
N LYS B 225 3.10 -12.25 24.12
CA LYS B 225 4.44 -12.14 24.69
C LYS B 225 5.16 -13.47 24.65
N LEU B 226 4.48 -14.55 25.07
CA LEU B 226 5.09 -15.87 25.05
C LEU B 226 5.31 -16.37 23.62
N TYR B 227 4.43 -16.00 22.69
CA TYR B 227 4.58 -16.43 21.31
C TYR B 227 5.84 -15.84 20.67
N CYS B 228 6.15 -14.58 20.99
CA CYS B 228 7.29 -13.92 20.37
C CYS B 228 8.63 -14.55 20.77
N LYS B 229 8.65 -15.32 21.86
CA LYS B 229 9.87 -16.02 22.26
C LYS B 229 10.14 -17.26 21.42
N ILE B 230 9.17 -17.70 20.61
CA ILE B 230 9.33 -18.92 19.81
C ILE B 230 10.11 -18.56 18.55
N THR B 231 11.32 -19.07 18.43
CA THR B 231 12.15 -18.87 17.25
C THR B 231 12.00 -20.04 16.28
N LYS B 232 12.38 -19.77 15.02
CA LYS B 232 12.34 -20.83 14.02
C LYS B 232 13.30 -21.97 14.36
N PHE B 233 14.44 -21.65 14.98
CA PHE B 233 15.38 -22.68 15.38
C PHE B 233 14.76 -23.62 16.40
N ALA B 234 13.97 -23.08 17.33
CA ALA B 234 13.33 -23.93 18.33
C ALA B 234 12.36 -24.91 17.67
N CYS B 235 11.63 -24.46 16.64
CA CYS B 235 10.71 -25.35 15.95
C CYS B 235 11.43 -26.47 15.22
N LEU B 236 12.54 -26.14 14.54
CA LEU B 236 13.31 -27.17 13.86
C LEU B 236 13.92 -28.15 14.86
N ALA B 237 14.40 -27.64 16.00
CA ALA B 237 14.98 -28.52 17.00
C ALA B 237 13.91 -29.42 17.62
N LYS B 238 12.71 -28.88 17.83
CA LYS B 238 11.66 -29.68 18.46
C LYS B 238 11.18 -30.80 17.55
N VAL B 239 11.04 -30.52 16.25
CA VAL B 239 10.46 -31.48 15.33
C VAL B 239 11.52 -32.39 14.72
N TRP B 240 12.62 -31.81 14.21
CA TRP B 240 13.65 -32.60 13.57
C TRP B 240 14.58 -33.29 14.55
N GLY B 241 14.69 -32.78 15.78
CA GLY B 241 15.59 -33.38 16.75
C GLY B 241 17.04 -33.24 16.31
N LYS B 242 17.82 -34.31 16.55
CA LYS B 242 19.24 -34.29 16.24
C LYS B 242 19.49 -34.11 14.73
N LYS B 243 18.53 -34.50 13.89
CA LYS B 243 18.68 -34.32 12.45
C LYS B 243 18.71 -32.85 12.06
N SER B 244 18.16 -31.96 12.89
CA SER B 244 18.18 -30.54 12.59
C SER B 244 19.59 -29.96 12.60
N GLY B 245 20.54 -30.65 13.23
CA GLY B 245 21.85 -30.07 13.42
C GLY B 245 21.87 -28.90 14.37
N LEU B 246 20.85 -28.77 15.23
CA LEU B 246 20.70 -27.66 16.14
C LEU B 246 20.61 -28.18 17.58
N SER B 247 21.22 -27.45 18.51
CA SER B 247 21.12 -27.74 19.94
C SER B 247 20.29 -26.68 20.66
N GLU B 248 19.35 -26.06 19.96
CA GLU B 248 18.57 -24.96 20.53
C GLU B 248 17.55 -25.46 21.53
N SER B 249 17.35 -24.70 22.59
CA SER B 249 16.38 -25.06 23.61
C SER B 249 14.96 -24.83 23.12
N ILE B 250 14.07 -25.77 23.43
CA ILE B 250 12.67 -25.68 23.01
C ILE B 250 11.78 -25.19 24.15
N ASP B 251 12.36 -24.60 25.20
CA ASP B 251 11.57 -24.20 26.36
C ASP B 251 10.50 -23.18 25.99
N SER B 252 10.83 -22.24 25.10
CA SER B 252 9.86 -21.21 24.72
C SER B 252 8.62 -21.83 24.10
N ILE B 253 8.77 -22.94 23.37
CA ILE B 253 7.61 -23.64 22.85
C ILE B 253 6.86 -24.34 23.98
N THR B 254 7.59 -24.96 24.90
CA THR B 254 6.93 -25.65 26.02
C THR B 254 6.18 -24.67 26.89
N GLN B 255 6.73 -23.47 27.10
CA GLN B 255 6.05 -22.47 27.91
C GLN B 255 4.77 -21.99 27.24
N PHE B 256 4.81 -21.81 25.91
CA PHE B 256 3.61 -21.42 25.17
C PHE B 256 2.55 -22.50 25.26
N ILE B 257 2.96 -23.77 25.15
CA ILE B 257 1.99 -24.87 25.23
C ILE B 257 1.43 -24.99 26.64
N LYS B 258 2.27 -24.80 27.65
CA LYS B 258 1.79 -24.89 29.04
C LYS B 258 0.76 -23.81 29.32
N ALA B 259 1.07 -22.56 28.96
CA ALA B 259 0.11 -21.48 29.16
C ALA B 259 -1.18 -21.71 28.39
N SER B 260 -1.09 -22.36 27.23
CA SER B 260 -2.29 -22.72 26.49
C SER B 260 -3.09 -23.78 27.25
N ASN B 261 -2.39 -24.78 27.80
CA ASN B 261 -3.08 -25.81 28.58
C ASN B 261 -3.65 -25.24 29.87
N GLN B 262 -2.94 -24.31 30.50
CA GLN B 262 -3.42 -23.71 31.74
C GLN B 262 -4.69 -22.89 31.50
N LEU B 263 -4.75 -22.18 30.37
CA LEU B 263 -5.98 -21.49 30.00
C LEU B 263 -7.13 -22.47 29.85
N THR B 264 -6.88 -23.62 29.22
CA THR B 264 -7.92 -24.63 29.05
C THR B 264 -8.41 -25.14 30.40
N ASN B 265 -7.47 -25.55 31.27
CA ASN B 265 -7.85 -25.99 32.61
C ASN B 265 -8.58 -24.88 33.37
N PHE B 266 -8.18 -23.63 33.13
CA PHE B 266 -8.81 -22.51 33.82
C PHE B 266 -10.26 -22.36 33.40
N VAL B 267 -10.53 -22.42 32.09
CA VAL B 267 -11.89 -22.27 31.61
C VAL B 267 -12.77 -23.39 32.13
N GLY B 268 -12.24 -24.62 32.14
CA GLY B 268 -13.01 -25.75 32.65
C GLY B 268 -13.30 -25.64 34.13
N TYR B 269 -12.30 -25.27 34.92
CA TYR B 269 -12.48 -25.24 36.38
C TYR B 269 -13.41 -24.12 36.80
N MET B 270 -13.35 -22.98 36.10
CA MET B 270 -14.27 -21.88 36.42
C MET B 270 -15.72 -22.29 36.23
N ILE B 271 -15.98 -23.18 35.27
CA ILE B 271 -17.34 -23.66 35.05
C ILE B 271 -17.75 -24.62 36.16
N LEU B 272 -16.91 -25.61 36.45
CA LEU B 272 -17.25 -26.67 37.40
C LEU B 272 -17.29 -26.20 38.85
N ARG B 273 -16.82 -25.00 39.15
CA ARG B 273 -16.93 -24.47 40.51
C ARG B 273 -18.37 -24.14 40.89
N LYS B 274 -19.24 -23.92 39.91
CA LYS B 274 -20.62 -23.53 40.16
C LYS B 274 -21.50 -24.76 40.32
N ALA B 275 -22.43 -24.70 41.27
CA ALA B 275 -23.20 -25.89 41.62
C ALA B 275 -24.44 -26.06 40.74
N ASP B 276 -25.12 -24.96 40.41
CA ASP B 276 -26.32 -25.17 39.63
C ASP B 276 -26.07 -24.87 38.15
N PRO B 277 -26.77 -25.57 37.25
CA PRO B 277 -26.57 -25.31 35.81
C PRO B 277 -27.01 -23.93 35.37
N LYS B 278 -27.78 -23.22 36.18
CA LYS B 278 -28.17 -21.85 35.82
C LYS B 278 -26.95 -20.93 35.82
N LYS B 279 -26.11 -21.02 36.86
CA LYS B 279 -24.91 -20.20 36.92
C LYS B 279 -23.84 -20.70 35.97
N ARG B 280 -23.82 -22.00 35.65
CA ARG B 280 -22.78 -22.52 34.78
C ARG B 280 -22.92 -22.01 33.36
N VAL B 281 -24.15 -21.89 32.86
CA VAL B 281 -24.33 -21.38 31.50
C VAL B 281 -23.92 -19.92 31.42
N GLN B 282 -24.05 -19.17 32.51
CA GLN B 282 -23.59 -17.79 32.51
C GLN B 282 -22.08 -17.71 32.36
N ILE B 283 -21.36 -18.66 32.95
CA ILE B 283 -19.91 -18.70 32.81
C ILE B 283 -19.50 -19.25 31.46
N ILE B 284 -20.23 -20.24 30.95
CA ILE B 284 -19.93 -20.78 29.62
C ILE B 284 -20.20 -19.72 28.55
N ARG B 285 -21.32 -19.01 28.67
CA ARG B 285 -21.61 -17.94 27.73
C ARG B 285 -20.58 -16.82 27.84
N TYR B 286 -20.06 -16.58 29.05
CA TYR B 286 -19.01 -15.58 29.23
C TYR B 286 -17.76 -15.97 28.45
N PHE B 287 -17.34 -17.23 28.54
CA PHE B 287 -16.12 -17.65 27.86
C PHE B 287 -16.32 -17.80 26.36
N ILE B 288 -17.54 -18.11 25.91
CA ILE B 288 -17.82 -18.06 24.48
C ILE B 288 -17.62 -16.65 23.94
N GLN B 289 -17.99 -15.66 24.74
CA GLN B 289 -17.80 -14.27 24.31
C GLN B 289 -16.34 -13.87 24.40
N VAL B 290 -15.61 -14.37 25.40
CA VAL B 290 -14.17 -14.12 25.48
C VAL B 290 -13.47 -14.77 24.28
N ALA B 291 -13.82 -16.03 23.99
CA ALA B 291 -13.23 -16.71 22.85
C ALA B 291 -13.54 -15.98 21.55
N ASP B 292 -14.78 -15.48 21.41
CA ASP B 292 -15.14 -14.77 20.19
C ASP B 292 -14.43 -13.43 20.09
N LYS B 293 -14.15 -12.78 21.23
CA LYS B 293 -13.41 -11.53 21.17
C LYS B 293 -11.94 -11.77 20.82
N CYS B 294 -11.38 -12.89 21.29
CA CYS B 294 -10.03 -13.26 20.88
C CYS B 294 -9.98 -13.52 19.39
N ARG B 295 -11.03 -14.13 18.83
CA ARG B 295 -11.09 -14.33 17.39
C ARG B 295 -11.05 -13.01 16.64
N GLN B 296 -11.78 -12.01 17.13
CA GLN B 296 -11.77 -10.70 16.49
C GLN B 296 -10.41 -10.03 16.60
N TYR B 297 -9.67 -10.32 17.67
CA TYR B 297 -8.33 -9.80 17.86
C TYR B 297 -7.26 -10.60 17.13
N ASN B 298 -7.65 -11.55 16.28
CA ASN B 298 -6.73 -12.46 15.59
C ASN B 298 -5.91 -13.30 16.57
N ASN B 299 -6.40 -13.48 17.79
CA ASN B 299 -5.75 -14.34 18.77
C ASN B 299 -6.46 -15.69 18.74
N PHE B 300 -6.05 -16.51 17.78
CA PHE B 300 -6.63 -17.84 17.64
C PHE B 300 -6.07 -18.83 18.66
N SER B 301 -4.91 -18.54 19.25
CA SER B 301 -4.35 -19.43 20.26
C SER B 301 -5.26 -19.48 21.49
N SER B 302 -5.64 -18.32 22.02
CA SER B 302 -6.54 -18.28 23.17
C SER B 302 -7.92 -18.81 22.80
N MET B 303 -8.43 -18.43 21.61
CA MET B 303 -9.73 -18.91 21.19
C MET B 303 -9.78 -20.43 21.17
N THR B 304 -8.75 -21.08 20.60
CA THR B 304 -8.72 -22.54 20.53
C THR B 304 -8.56 -23.16 21.91
N ALA B 305 -7.82 -22.51 22.81
CA ALA B 305 -7.68 -23.07 24.15
C ALA B 305 -8.98 -22.98 24.94
N ILE B 306 -9.80 -21.96 24.66
CA ILE B 306 -11.06 -21.79 25.38
C ILE B 306 -12.11 -22.78 24.87
N ILE B 307 -12.24 -22.91 23.55
CA ILE B 307 -13.28 -23.77 23.00
C ILE B 307 -12.96 -25.23 23.22
N SER B 308 -11.67 -25.59 23.26
CA SER B 308 -11.32 -26.97 23.58
C SER B 308 -11.69 -27.31 25.02
N ALA B 309 -11.71 -26.32 25.91
CA ALA B 309 -12.22 -26.55 27.25
C ALA B 309 -13.73 -26.76 27.23
N LEU B 310 -14.44 -25.98 26.42
CA LEU B 310 -15.89 -26.12 26.36
C LEU B 310 -16.31 -27.43 25.70
N TYR B 311 -15.44 -27.99 24.85
CA TYR B 311 -15.69 -29.28 24.22
C TYR B 311 -15.02 -30.43 24.95
N SER B 312 -14.22 -30.15 25.98
CA SER B 312 -13.57 -31.21 26.74
C SER B 312 -14.63 -32.08 27.42
N SER B 313 -14.24 -33.32 27.71
CA SER B 313 -15.15 -34.30 28.30
C SER B 313 -15.87 -33.81 29.55
N PRO B 314 -15.20 -33.18 30.53
CA PRO B 314 -15.94 -32.77 31.74
C PRO B 314 -16.99 -31.70 31.48
N ILE B 315 -16.72 -30.77 30.56
CA ILE B 315 -17.68 -29.71 30.27
C ILE B 315 -18.71 -30.15 29.24
N HIS B 316 -18.29 -30.94 28.24
CA HIS B 316 -19.20 -31.35 27.18
C HIS B 316 -20.29 -32.27 27.71
N ARG B 317 -20.01 -33.06 28.74
CA ARG B 317 -20.98 -34.01 29.26
C ARG B 317 -22.04 -33.37 30.13
N LEU B 318 -21.90 -32.08 30.47
CA LEU B 318 -22.89 -31.38 31.28
C LEU B 318 -24.16 -31.15 30.49
N LYS B 319 -24.91 -32.23 30.24
CA LYS B 319 -26.07 -32.15 29.36
C LYS B 319 -27.16 -31.25 29.96
N LYS B 320 -27.41 -31.39 31.27
CA LYS B 320 -28.40 -30.53 31.91
C LYS B 320 -27.99 -29.06 31.88
N THR B 321 -26.71 -28.78 31.71
CA THR B 321 -26.25 -27.40 31.64
C THR B 321 -26.44 -26.82 30.24
N TRP B 322 -26.01 -27.55 29.21
CA TRP B 322 -26.11 -27.07 27.83
C TRP B 322 -27.55 -26.85 27.39
N GLU B 323 -28.54 -27.38 28.11
CA GLU B 323 -29.94 -27.18 27.72
C GLU B 323 -30.40 -25.75 27.97
N TYR B 324 -29.76 -25.02 28.87
CA TYR B 324 -30.12 -23.64 29.16
C TYR B 324 -29.42 -22.64 28.25
N MET B 325 -28.44 -23.07 27.47
CA MET B 325 -27.68 -22.16 26.62
C MET B 325 -28.54 -21.68 25.46
N ASN B 326 -28.48 -20.38 25.18
CA ASN B 326 -29.25 -19.83 24.07
C ASN B 326 -28.64 -20.24 22.73
N ALA B 327 -29.48 -20.24 21.69
CA ALA B 327 -29.05 -20.70 20.38
C ALA B 327 -27.95 -19.82 19.79
N ASP B 328 -27.98 -18.52 20.08
CA ASP B 328 -26.98 -17.62 19.53
C ASP B 328 -25.58 -17.99 20.02
N ALA B 329 -25.42 -18.17 21.33
CA ALA B 329 -24.12 -18.53 21.87
C ALA B 329 -23.68 -19.91 21.41
N LEU B 330 -24.62 -20.81 21.15
CA LEU B 330 -24.26 -22.13 20.64
C LEU B 330 -23.82 -22.07 19.19
N SER B 331 -24.50 -21.26 18.38
CA SER B 331 -24.06 -21.09 16.98
C SER B 331 -22.68 -20.46 16.93
N ASN B 332 -22.43 -19.47 17.79
CA ASN B 332 -21.13 -18.83 17.81
C ASN B 332 -20.03 -19.82 18.21
N LEU B 333 -20.29 -20.62 19.24
CA LEU B 333 -19.32 -21.61 19.68
C LEU B 333 -19.07 -22.66 18.60
N LYS B 334 -20.12 -23.14 17.95
CA LYS B 334 -19.96 -24.15 16.91
C LYS B 334 -19.25 -23.57 15.69
N ASN B 335 -19.43 -22.28 15.41
CA ASN B 335 -18.74 -21.67 14.28
C ASN B 335 -17.24 -21.61 14.54
N MET B 336 -16.85 -21.20 15.75
CA MET B 336 -15.42 -21.19 16.09
C MET B 336 -14.85 -22.60 16.08
N ASN B 337 -15.64 -23.59 16.51
CA ASN B 337 -15.20 -24.98 16.42
C ASN B 337 -15.05 -25.41 14.97
N LYS B 338 -15.97 -24.97 14.10
CA LYS B 338 -15.82 -25.21 12.67
C LYS B 338 -14.56 -24.56 12.11
N LEU B 339 -14.17 -23.41 12.68
CA LEU B 339 -13.00 -22.71 12.19
C LEU B 339 -11.72 -23.51 12.43
N MET B 340 -11.63 -24.17 13.59
CA MET B 340 -10.43 -24.92 13.94
C MET B 340 -10.66 -26.43 13.82
N ASN B 341 -11.22 -26.87 12.70
CA ASN B 341 -11.54 -28.28 12.49
C ASN B 341 -10.27 -29.03 12.11
N SER B 342 -9.77 -29.86 13.03
CA SER B 342 -8.53 -30.60 12.79
C SER B 342 -8.73 -31.76 11.84
N SER B 343 -9.92 -32.37 11.81
CA SER B 343 -10.17 -33.46 10.88
C SER B 343 -10.29 -32.99 9.44
N ARG B 344 -10.34 -31.68 9.21
CA ARG B 344 -10.42 -31.12 7.86
C ARG B 344 -9.23 -30.21 7.58
N ASN B 345 -8.09 -30.49 8.23
CA ASN B 345 -6.81 -29.82 7.97
C ASN B 345 -6.89 -28.31 8.23
N PHE B 346 -7.77 -27.89 9.12
CA PHE B 346 -7.92 -26.47 9.48
C PHE B 346 -8.15 -25.61 8.25
N ASN B 347 -8.93 -26.13 7.30
CA ASN B 347 -9.07 -25.50 6.00
C ASN B 347 -9.55 -24.05 6.11
N GLU B 348 -10.63 -23.83 6.86
CA GLU B 348 -11.15 -22.48 7.00
C GLU B 348 -10.17 -21.57 7.74
N TYR B 349 -9.51 -22.11 8.77
CA TYR B 349 -8.52 -21.34 9.51
C TYR B 349 -7.37 -20.89 8.60
N ARG B 350 -6.87 -21.80 7.76
CA ARG B 350 -5.79 -21.43 6.84
C ARG B 350 -6.24 -20.35 5.87
N ASP B 351 -7.50 -20.42 5.43
CA ASP B 351 -8.02 -19.41 4.51
C ASP B 351 -8.14 -18.05 5.19
N VAL B 352 -8.32 -18.03 6.51
CA VAL B 352 -8.37 -16.77 7.24
C VAL B 352 -6.96 -16.26 7.52
N LEU B 353 -6.06 -17.15 7.94
CA LEU B 353 -4.71 -16.74 8.30
C LEU B 353 -3.93 -16.18 7.12
N LYS B 354 -4.40 -16.39 5.90
CA LYS B 354 -3.71 -15.86 4.72
C LYS B 354 -3.76 -14.34 4.67
N PHE B 355 -4.82 -13.73 5.19
CA PHE B 355 -5.10 -12.31 4.96
C PHE B 355 -4.79 -11.45 6.17
N ILE B 356 -3.99 -11.96 7.10
CA ILE B 356 -3.57 -11.17 8.26
C ILE B 356 -2.29 -10.42 7.90
N GLY B 357 -1.21 -11.16 7.62
CA GLY B 357 0.05 -10.54 7.28
C GLY B 357 0.80 -10.02 8.49
N SER B 358 1.41 -8.84 8.35
CA SER B 358 2.19 -8.25 9.44
C SER B 358 1.32 -7.41 10.37
N GLU B 359 0.25 -8.02 10.85
CA GLU B 359 -0.65 -7.46 11.85
C GLU B 359 -0.47 -8.17 13.18
N PRO B 360 -0.93 -7.59 14.29
CA PRO B 360 -0.91 -8.33 15.55
C PRO B 360 -1.81 -9.55 15.46
N CYS B 361 -1.20 -10.72 15.62
CA CYS B 361 -1.91 -11.99 15.53
C CYS B 361 -1.21 -13.01 16.41
N VAL B 362 -2.00 -13.86 17.06
CA VAL B 362 -1.48 -14.98 17.82
C VAL B 362 -2.03 -16.25 17.19
N PRO B 363 -1.32 -16.87 16.26
CA PRO B 363 -1.86 -18.04 15.56
C PRO B 363 -1.97 -19.25 16.48
N PHE B 364 -2.72 -20.24 16.02
CA PHE B 364 -2.79 -21.53 16.70
C PHE B 364 -1.52 -22.29 16.35
N PHE B 365 -0.60 -22.35 17.31
CA PHE B 365 0.74 -22.88 17.05
C PHE B 365 0.71 -24.36 16.70
N GLY B 366 -0.32 -25.10 17.13
CA GLY B 366 -0.41 -26.52 16.82
C GLY B 366 -0.42 -26.84 15.33
N VAL B 367 -0.87 -25.89 14.50
CA VAL B 367 -0.87 -26.14 13.06
C VAL B 367 0.55 -26.14 12.51
N TYR B 368 1.41 -25.25 13.03
CA TYR B 368 2.80 -25.22 12.60
C TYR B 368 3.50 -26.53 12.98
N LEU B 369 3.33 -26.97 14.23
CA LEU B 369 3.97 -28.21 14.67
C LEU B 369 3.43 -29.41 13.90
N SER B 370 2.13 -29.42 13.61
CA SER B 370 1.56 -30.53 12.85
C SER B 370 2.09 -30.56 11.42
N ASP B 371 2.15 -29.40 10.76
CA ASP B 371 2.66 -29.34 9.40
C ASP B 371 4.14 -29.72 9.34
N LEU B 372 4.93 -29.19 10.27
CA LEU B 372 6.36 -29.49 10.28
C LEU B 372 6.61 -30.98 10.54
N THR B 373 5.84 -31.57 11.45
CA THR B 373 6.04 -32.98 11.77
C THR B 373 5.63 -33.87 10.60
N PHE B 374 4.61 -33.47 9.86
CA PHE B 374 4.22 -34.24 8.68
C PHE B 374 5.30 -34.21 7.62
N VAL B 375 5.84 -33.02 7.34
CA VAL B 375 6.84 -32.88 6.29
C VAL B 375 8.12 -33.63 6.67
N TYR B 376 8.53 -33.53 7.93
CA TYR B 376 9.76 -34.20 8.36
C TYR B 376 9.64 -35.71 8.24
N HIS B 377 8.57 -36.28 8.80
CA HIS B 377 8.39 -37.73 8.77
C HIS B 377 7.87 -38.25 7.45
N GLY B 378 7.29 -37.38 6.62
CA GLY B 378 6.75 -37.78 5.34
C GLY B 378 7.67 -37.61 4.15
N ASN B 379 8.92 -37.24 4.35
CA ASN B 379 9.86 -37.05 3.26
C ASN B 379 11.22 -37.61 3.64
N PRO B 380 11.91 -38.26 2.70
CA PRO B 380 13.24 -38.77 3.00
C PRO B 380 14.29 -37.66 3.05
N ASP B 381 15.34 -37.88 3.83
CA ASP B 381 16.43 -36.93 3.89
C ASP B 381 17.25 -36.93 2.60
N TYR B 382 17.17 -38.00 1.82
CA TYR B 382 17.89 -38.11 0.55
C TYR B 382 16.93 -38.54 -0.54
N LEU B 383 17.29 -38.23 -1.78
CA LEU B 383 16.40 -38.41 -2.92
C LEU B 383 16.67 -39.71 -3.65
N TYR B 384 15.59 -40.44 -3.98
CA TYR B 384 15.62 -41.56 -4.93
C TYR B 384 16.68 -42.59 -4.56
N ASN B 385 16.75 -42.92 -3.27
CA ASN B 385 17.66 -43.93 -2.75
C ASN B 385 19.13 -43.59 -3.01
N ARG B 386 19.39 -42.42 -3.60
CA ARG B 386 20.74 -41.96 -3.87
C ARG B 386 21.23 -41.17 -2.65
N THR B 387 22.20 -41.72 -1.93
CA THR B 387 22.62 -41.11 -0.68
C THR B 387 23.29 -39.76 -0.91
N ARG B 388 24.10 -39.64 -1.97
CA ARG B 388 24.85 -38.42 -2.20
C ARG B 388 23.97 -37.22 -2.56
N GLN B 389 22.70 -37.43 -2.86
CA GLN B 389 21.80 -36.35 -3.27
C GLN B 389 20.87 -36.01 -2.11
N VAL B 390 21.18 -34.93 -1.41
CA VAL B 390 20.36 -34.48 -0.29
C VAL B 390 18.99 -34.04 -0.81
N ASN B 391 17.95 -34.34 -0.04
CA ASN B 391 16.59 -33.93 -0.39
C ASN B 391 16.42 -32.48 0.03
N PHE B 392 16.67 -31.57 -0.91
CA PHE B 392 16.54 -30.14 -0.62
C PHE B 392 15.08 -29.70 -0.61
N ALA B 393 14.22 -30.37 -1.37
CA ALA B 393 12.81 -30.02 -1.37
C ALA B 393 12.19 -30.21 0.01
N LYS B 394 12.66 -31.21 0.76
CA LYS B 394 12.18 -31.40 2.13
C LYS B 394 12.52 -30.19 3.00
N ARG B 395 13.67 -29.58 2.75
CA ARG B 395 14.05 -28.38 3.50
C ARG B 395 13.26 -27.17 3.03
N ALA B 396 12.99 -27.08 1.73
CA ALA B 396 12.22 -25.96 1.20
C ALA B 396 10.80 -25.96 1.76
N LYS B 397 10.14 -27.13 1.76
CA LYS B 397 8.81 -27.23 2.34
C LYS B 397 8.84 -26.86 3.83
N THR B 398 9.86 -27.31 4.54
CA THR B 398 9.99 -26.99 5.96
C THR B 398 10.15 -25.49 6.17
N SER B 399 11.09 -24.88 5.42
CA SER B 399 11.32 -23.45 5.54
C SER B 399 10.06 -22.66 5.25
N GLU B 400 9.28 -23.08 4.24
CA GLU B 400 8.07 -22.35 3.89
C GLU B 400 7.00 -22.44 4.98
N ILE B 401 7.05 -23.45 5.83
CA ILE B 401 6.10 -23.55 6.94
C ILE B 401 6.54 -22.68 8.11
N VAL B 402 7.81 -22.81 8.50
CA VAL B 402 8.28 -22.15 9.72
C VAL B 402 8.49 -20.66 9.48
N SER B 403 8.74 -20.23 8.25
CA SER B 403 8.98 -18.82 7.99
C SER B 403 7.73 -17.97 8.20
N GLY B 404 6.55 -18.59 8.22
CA GLY B 404 5.33 -17.84 8.45
C GLY B 404 5.18 -17.30 9.86
N ILE B 405 5.86 -17.90 10.83
CA ILE B 405 5.71 -17.48 12.22
C ILE B 405 6.28 -16.09 12.47
N ASP B 406 7.09 -15.57 11.55
CA ASP B 406 7.78 -14.30 11.80
C ASP B 406 6.87 -13.10 11.55
N ARG B 407 6.00 -13.16 10.55
CA ARG B 407 5.20 -12.00 10.18
C ARG B 407 4.25 -11.56 11.28
N PHE B 408 3.95 -12.44 12.23
CA PHE B 408 3.06 -12.10 13.33
C PHE B 408 3.78 -11.43 14.50
N LYS B 409 5.12 -11.45 14.51
CA LYS B 409 5.90 -10.76 15.52
C LYS B 409 6.29 -9.35 15.11
N THR B 410 5.96 -8.93 13.89
CA THR B 410 6.38 -7.62 13.39
C THR B 410 5.78 -6.50 14.24
N THR B 411 4.47 -6.53 14.42
CA THR B 411 3.76 -5.47 15.13
C THR B 411 3.13 -6.05 16.39
N GLY B 412 3.15 -5.26 17.47
CA GLY B 412 2.55 -5.67 18.72
C GLY B 412 1.10 -5.24 18.86
N TYR B 413 0.46 -5.77 19.89
CA TYR B 413 -0.94 -5.44 20.16
C TYR B 413 -1.03 -4.10 20.87
N ASN B 414 -1.91 -3.23 20.39
CA ASN B 414 -2.13 -1.92 21.00
C ASN B 414 -3.25 -2.02 22.03
N PHE B 415 -2.91 -2.67 23.16
CA PHE B 415 -3.82 -2.80 24.29
C PHE B 415 -3.12 -2.34 25.55
N GLN B 416 -3.85 -1.61 26.39
CA GLN B 416 -3.32 -1.22 27.70
C GLN B 416 -3.33 -2.42 28.62
N GLU B 417 -2.19 -2.75 29.20
CA GLU B 417 -2.10 -3.87 30.12
C GLU B 417 -2.69 -3.46 31.47
N VAL B 418 -3.51 -4.33 32.05
CA VAL B 418 -4.06 -4.14 33.38
C VAL B 418 -3.34 -5.11 34.32
N PRO B 419 -2.37 -4.65 35.10
CA PRO B 419 -1.58 -5.58 35.92
C PRO B 419 -2.41 -6.38 36.91
N GLU B 420 -3.52 -5.81 37.40
CA GLU B 420 -4.36 -6.54 38.34
C GLU B 420 -4.97 -7.78 37.70
N ILE B 421 -5.32 -7.69 36.42
CA ILE B 421 -5.86 -8.86 35.72
C ILE B 421 -4.75 -9.86 35.42
N GLN B 422 -3.55 -9.36 35.07
CA GLN B 422 -2.43 -10.24 34.78
C GLN B 422 -2.06 -11.07 36.00
N LYS B 423 -1.94 -10.43 37.17
CA LYS B 423 -1.65 -11.16 38.38
C LYS B 423 -2.78 -12.12 38.74
N PHE B 424 -4.01 -11.77 38.36
CA PHE B 424 -5.14 -12.67 38.58
C PHE B 424 -5.04 -13.91 37.70
N LEU B 425 -4.53 -13.75 36.48
CA LEU B 425 -4.37 -14.90 35.59
C LEU B 425 -3.19 -15.78 36.00
N ASP B 426 -2.09 -15.17 36.43
CA ASP B 426 -0.94 -15.96 36.87
C ASP B 426 -1.30 -16.84 38.07
N ALA B 427 -2.09 -16.29 39.00
CA ALA B 427 -2.43 -17.04 40.21
C ALA B 427 -3.35 -18.21 39.89
N TRP B 428 -4.28 -18.04 38.95
CA TRP B 428 -5.22 -19.11 38.64
C TRP B 428 -4.62 -20.13 37.68
N PHE B 429 -3.82 -19.68 36.72
CA PHE B 429 -3.21 -20.60 35.76
C PHE B 429 -2.32 -21.64 36.44
N GLU B 430 -1.83 -21.34 37.64
CA GLU B 430 -0.91 -22.24 38.33
C GLU B 430 -1.61 -23.19 39.30
N LYS B 431 -2.90 -23.01 39.57
CA LYS B 431 -3.59 -23.85 40.53
C LYS B 431 -4.89 -24.46 40.02
N CYS B 432 -5.24 -24.25 38.77
CA CYS B 432 -6.41 -24.96 38.27
C CYS B 432 -6.08 -26.43 37.99
N PRO B 433 -6.94 -27.35 38.38
CA PRO B 433 -6.66 -28.76 38.10
C PRO B 433 -6.74 -29.06 36.61
N THR B 434 -6.00 -30.09 36.21
CA THR B 434 -6.02 -30.49 34.81
C THR B 434 -7.38 -31.06 34.44
N ILE B 435 -7.68 -31.04 33.13
CA ILE B 435 -8.95 -31.56 32.63
C ILE B 435 -9.15 -33.01 33.06
N ASP B 436 -8.07 -33.78 33.15
CA ASP B 436 -8.16 -35.15 33.66
C ASP B 436 -8.75 -35.16 35.07
N GLU B 437 -8.25 -34.28 35.94
CA GLU B 437 -8.75 -34.23 37.31
C GLU B 437 -10.16 -33.65 37.37
N GLN B 438 -10.53 -32.81 36.40
CA GLN B 438 -11.81 -32.14 36.43
C GLN B 438 -12.98 -33.04 36.04
N TYR B 439 -12.71 -34.22 35.47
CA TYR B 439 -13.80 -35.11 35.11
C TYR B 439 -14.55 -35.61 36.33
N GLN B 440 -13.82 -35.91 37.41
CA GLN B 440 -14.48 -36.35 38.64
C GLN B 440 -15.34 -35.25 39.23
N ILE B 441 -14.96 -33.98 39.05
CA ILE B 441 -15.81 -32.89 39.46
C ILE B 441 -17.11 -32.90 38.68
N SER B 442 -17.02 -33.11 37.36
CA SER B 442 -18.21 -33.16 36.53
C SER B 442 -19.07 -34.39 36.82
N LEU B 443 -18.52 -35.43 37.43
CA LEU B 443 -19.33 -36.58 37.83
C LEU B 443 -20.10 -36.27 39.10
N ASN B 444 -19.42 -35.77 40.12
CA ASN B 444 -20.10 -35.41 41.37
C ASN B 444 -21.05 -34.23 41.18
N LEU B 445 -20.84 -33.40 40.15
CA LEU B 445 -21.68 -32.25 39.89
C LEU B 445 -22.90 -32.60 39.06
N GLU B 446 -22.75 -33.46 38.05
CA GLU B 446 -23.86 -33.97 37.25
C GLU B 446 -23.64 -35.45 37.01
N PRO B 447 -24.22 -36.31 37.84
CA PRO B 447 -23.96 -37.75 37.73
C PRO B 447 -24.48 -38.33 36.42
N ARG B 448 -24.07 -39.56 36.17
CA ARG B 448 -24.53 -40.30 34.99
C ARG B 448 -25.93 -40.89 35.22
#